data_1S0A
#
_entry.id   1S0A
#
_cell.length_a   58.508
_cell.length_b   55.659
_cell.length_c   121.396
_cell.angle_alpha   90.00
_cell.angle_beta   97.04
_cell.angle_gamma   90.00
#
_symmetry.space_group_name_H-M   'P 1 21 1'
#
loop_
_entity.id
_entity.type
_entity.pdbx_description
1 polymer 'Adenosylmethionine-8-amino-7-oxononanoate aminotransferase'
2 non-polymer 'SODIUM ION'
3 water water
#
_entity_poly.entity_id   1
_entity_poly.type   'polypeptide(L)'
_entity_poly.pdbx_seq_one_letter_code
;MTTDDLAFDQRHILHPFTSMTSPLPVYPVVSAEGCELILSDGRRLVDGMSSWWAAIHGYNHPQLNAAMKSQIDAMSHVMF
GGITHAPAIELCRKLVAMTPQPLECVFLADSGSVAVEVAMKMALQYWQAKGEARQRFLTFRNGYHGDTFGAMSVCDPDNS
MHSLWKGYLPENLFAPAPQSRMDGEWDERDMVGFARLMAAHRHEIAAVIIEPIVQGAGGMRMYHPEWLKRIRKICDREGI
LLIADEIATGFGRTGKLFACEHAEIAPDILCLG(LLP)ALTGGTMTLSATLTTREVAETISNGEAGCFMHGPTFMGNPLA
CAAANASLAILESGDWQQQVADIEVQLREQLAPARDAEMVADVRVLGAIGVVETTHPVNMAALQKFFVEQGVWIRPFGKL
IYLMPPYIILPQQLQRLTAAVNRAVQDETFFCQ
;
_entity_poly.pdbx_strand_id   A,B
#
loop_
_chem_comp.id
_chem_comp.type
_chem_comp.name
_chem_comp.formula
NA non-polymer 'SODIUM ION' 'Na 1'
#
# COMPACT_ATOMS: atom_id res chain seq x y z
N MET A 1 1.59 4.30 -28.39
CA MET A 1 1.86 5.58 -27.68
C MET A 1 2.42 6.65 -28.63
N THR A 2 1.65 7.71 -28.83
CA THR A 2 2.08 8.89 -29.56
C THR A 2 3.12 9.76 -28.84
N THR A 3 3.73 10.67 -29.58
CA THR A 3 4.69 11.62 -29.01
C THR A 3 3.97 12.47 -27.97
N ASP A 4 2.70 12.80 -28.23
CA ASP A 4 1.91 13.60 -27.30
C ASP A 4 1.67 12.85 -25.98
N ASP A 5 1.52 11.53 -26.08
CA ASP A 5 1.38 10.66 -24.89
C ASP A 5 2.63 10.81 -24.03
N LEU A 6 3.78 10.78 -24.68
CA LEU A 6 5.06 10.87 -23.99
C LEU A 6 5.26 12.27 -23.41
N ALA A 7 4.76 13.28 -24.11
CA ALA A 7 4.88 14.64 -23.59
C ALA A 7 4.00 14.80 -22.35
N PHE A 8 2.84 14.16 -22.38
CA PHE A 8 1.92 14.26 -21.25
C PHE A 8 2.56 13.56 -20.04
N ASP A 9 3.14 12.40 -20.25
CA ASP A 9 3.82 11.71 -19.18
C ASP A 9 4.91 12.59 -18.58
N GLN A 10 5.72 13.22 -19.42
CA GLN A 10 6.80 14.05 -18.91
C GLN A 10 6.32 15.19 -18.00
N ARG A 11 5.25 15.88 -18.40
CA ARG A 11 4.82 17.06 -17.64
C ARG A 11 3.78 16.81 -16.55
N HIS A 12 3.12 15.65 -16.57
CA HIS A 12 2.03 15.39 -15.62
C HIS A 12 2.15 14.14 -14.73
N ILE A 13 3.06 13.23 -15.04
CA ILE A 13 3.15 11.97 -14.31
C ILE A 13 4.45 11.86 -13.52
N LEU A 14 4.35 11.77 -12.19
CA LEU A 14 5.52 11.59 -11.34
C LEU A 14 5.98 10.15 -11.44
N HIS A 15 7.29 9.95 -11.35
CA HIS A 15 7.89 8.62 -11.36
C HIS A 15 8.71 8.51 -10.07
N PRO A 16 9.20 7.32 -9.73
CA PRO A 16 9.93 7.16 -8.48
C PRO A 16 11.18 8.04 -8.34
N PHE A 17 11.24 8.78 -7.24
CA PHE A 17 12.44 9.51 -6.85
C PHE A 17 13.14 10.23 -8.00
N THR A 18 12.41 11.05 -8.73
CA THR A 18 13.00 11.76 -9.85
C THR A 18 12.33 13.13 -10.04
N SER A 19 13.08 14.07 -10.59
CA SER A 19 12.61 15.46 -10.70
C SER A 19 11.47 15.72 -11.68
N MET A 20 10.56 16.61 -11.28
CA MET A 20 9.48 17.06 -12.15
C MET A 20 9.90 18.37 -12.85
N THR A 21 10.99 18.98 -12.39
CA THR A 21 11.48 20.22 -12.98
C THR A 21 12.60 19.98 -13.98
N SER A 22 13.38 18.92 -13.74
CA SER A 22 14.44 18.51 -14.66
C SER A 22 14.29 17.01 -14.94
N PRO A 23 13.17 16.63 -15.55
CA PRO A 23 12.92 15.21 -15.79
C PRO A 23 13.89 14.61 -16.80
N LEU A 24 14.27 13.36 -16.57
CA LEU A 24 15.16 12.64 -17.48
C LEU A 24 14.31 11.72 -18.35
N PRO A 25 14.85 11.29 -19.48
CA PRO A 25 14.09 10.45 -20.40
C PRO A 25 13.52 9.18 -19.78
N VAL A 26 12.31 8.82 -20.21
CA VAL A 26 11.74 7.52 -19.85
C VAL A 26 11.49 6.75 -21.14
N TYR A 27 11.51 5.43 -21.05
CA TYR A 27 11.38 4.57 -22.20
C TYR A 27 10.00 3.90 -22.20
N PRO A 28 9.27 4.05 -23.30
CA PRO A 28 7.90 3.51 -23.39
C PRO A 28 7.88 2.02 -23.68
N VAL A 29 7.31 1.26 -22.76
CA VAL A 29 7.22 -0.18 -22.89
C VAL A 29 5.79 -0.54 -23.27
N VAL A 30 5.64 -1.39 -24.29
CA VAL A 30 4.31 -1.79 -24.77
C VAL A 30 3.90 -3.18 -24.28
N SER A 31 4.87 -4.05 -24.06
CA SER A 31 4.60 -5.41 -23.61
C SER A 31 5.86 -6.04 -23.08
N ALA A 32 5.75 -7.25 -22.56
CA ALA A 32 6.90 -7.98 -22.05
C ALA A 32 6.62 -9.46 -22.16
N GLU A 33 7.65 -10.26 -22.38
CA GLU A 33 7.49 -11.71 -22.49
C GLU A 33 8.82 -12.37 -22.19
N GLY A 34 8.76 -13.50 -21.51
CA GLY A 34 9.97 -14.20 -21.11
C GLY A 34 10.81 -13.28 -20.25
N CYS A 35 12.02 -13.03 -20.72
CA CYS A 35 12.95 -12.23 -19.96
C CYS A 35 13.24 -10.90 -20.70
N GLU A 36 12.32 -10.51 -21.56
CA GLU A 36 12.47 -9.31 -22.37
C GLU A 36 11.33 -8.30 -22.24
N LEU A 37 11.70 -7.02 -22.31
CA LEU A 37 10.77 -5.91 -22.34
C LEU A 37 10.74 -5.46 -23.79
N ILE A 38 9.56 -5.10 -24.29
CA ILE A 38 9.43 -4.63 -25.67
C ILE A 38 9.04 -3.16 -25.70
N LEU A 39 9.89 -2.32 -26.28
CA LEU A 39 9.63 -0.89 -26.38
C LEU A 39 8.63 -0.56 -27.49
N SER A 40 8.07 0.65 -27.43
CA SER A 40 7.12 1.12 -28.43
C SER A 40 7.71 1.10 -29.85
N ASP A 41 9.03 1.25 -29.97
CA ASP A 41 9.65 1.25 -31.29
C ASP A 41 9.99 -0.17 -31.79
N GLY A 42 9.63 -1.18 -31.02
CA GLY A 42 9.86 -2.56 -31.38
C GLY A 42 11.12 -3.19 -30.80
N ARG A 43 12.01 -2.40 -30.21
CA ARG A 43 13.25 -2.93 -29.65
C ARG A 43 13.03 -3.81 -28.42
N ARG A 44 13.73 -4.95 -28.37
CA ARG A 44 13.60 -5.88 -27.27
C ARG A 44 14.79 -5.74 -26.36
N LEU A 45 14.50 -5.65 -25.06
CA LEU A 45 15.54 -5.50 -24.07
C LEU A 45 15.53 -6.67 -23.12
N VAL A 46 16.70 -7.26 -22.92
CA VAL A 46 16.87 -8.29 -21.91
C VAL A 46 16.77 -7.62 -20.55
N ASP A 47 15.83 -8.09 -19.73
CA ASP A 47 15.63 -7.48 -18.42
C ASP A 47 16.64 -7.98 -17.40
N GLY A 48 17.44 -7.06 -16.88
CA GLY A 48 18.41 -7.40 -15.86
C GLY A 48 17.94 -7.11 -14.45
N MET A 49 16.74 -6.52 -14.32
CA MET A 49 16.28 -6.04 -13.02
C MET A 49 15.13 -6.80 -12.35
N SER A 50 14.40 -7.61 -13.10
CA SER A 50 13.19 -8.28 -12.55
C SER A 50 12.18 -7.26 -12.03
N SER A 51 12.14 -6.08 -12.67
CA SER A 51 11.27 -4.97 -12.27
C SER A 51 11.44 -4.71 -10.78
N TRP A 52 12.69 -4.68 -10.35
CA TRP A 52 13.09 -4.53 -8.94
C TRP A 52 12.71 -5.76 -8.11
N TRP A 53 13.48 -6.84 -8.32
CA TRP A 53 13.42 -8.08 -7.56
C TRP A 53 12.24 -9.00 -7.86
N ALA A 54 11.07 -8.40 -8.07
CA ALA A 54 9.79 -9.11 -8.07
C ALA A 54 9.53 -10.15 -9.17
N ALA A 55 9.91 -9.86 -10.40
CA ALA A 55 9.56 -10.71 -11.53
C ALA A 55 10.52 -11.90 -11.64
N ILE A 56 10.56 -12.72 -10.60
CA ILE A 56 11.49 -13.87 -10.53
C ILE A 56 11.22 -14.90 -11.63
N HIS A 57 10.01 -14.91 -12.17
CA HIS A 57 9.65 -15.84 -13.24
C HIS A 57 9.55 -15.16 -14.60
N GLY A 58 10.06 -13.96 -14.70
CA GLY A 58 9.97 -13.24 -15.96
C GLY A 58 8.60 -12.65 -16.19
N TYR A 59 8.26 -12.44 -17.45
CA TYR A 59 7.04 -11.77 -17.84
C TYR A 59 6.15 -12.67 -18.71
N ASN A 60 4.86 -12.36 -18.74
CA ASN A 60 3.87 -13.13 -19.50
C ASN A 60 4.05 -14.63 -19.32
N HIS A 61 4.17 -15.04 -18.06
CA HIS A 61 4.36 -16.44 -17.72
C HIS A 61 3.00 -17.12 -17.88
N PRO A 62 2.93 -18.17 -18.68
CA PRO A 62 1.65 -18.83 -18.95
C PRO A 62 0.87 -19.32 -17.72
N GLN A 63 1.58 -19.82 -16.70
CA GLN A 63 0.93 -20.28 -15.47
C GLN A 63 0.40 -19.11 -14.63
N LEU A 64 1.20 -18.05 -14.51
CA LEU A 64 0.77 -16.87 -13.76
C LEU A 64 -0.45 -16.28 -14.45
N ASN A 65 -0.38 -16.18 -15.78
CA ASN A 65 -1.46 -15.62 -16.60
C ASN A 65 -2.77 -16.37 -16.41
N ALA A 66 -2.70 -17.70 -16.55
CA ALA A 66 -3.88 -18.55 -16.44
C ALA A 66 -4.54 -18.44 -15.05
N ALA A 67 -3.73 -18.45 -14.00
CA ALA A 67 -4.23 -18.34 -12.63
C ALA A 67 -4.94 -16.99 -12.40
N MET A 68 -4.38 -15.91 -12.94
CA MET A 68 -4.99 -14.58 -12.81
C MET A 68 -6.33 -14.50 -13.54
N LYS A 69 -6.33 -14.93 -14.80
CA LYS A 69 -7.54 -14.91 -15.62
C LYS A 69 -8.64 -15.77 -14.97
N SER A 70 -8.26 -16.93 -14.45
CA SER A 70 -9.22 -17.83 -13.79
C SER A 70 -9.84 -17.18 -12.54
N GLN A 71 -9.04 -16.43 -11.77
CA GLN A 71 -9.60 -15.78 -10.59
C GLN A 71 -10.50 -14.60 -10.96
N ILE A 72 -10.15 -13.90 -12.04
CA ILE A 72 -10.98 -12.82 -12.56
C ILE A 72 -12.37 -13.39 -12.88
N ASP A 73 -12.41 -14.60 -13.44
CA ASP A 73 -13.66 -15.27 -13.78
C ASP A 73 -14.54 -15.57 -12.56
N ALA A 74 -13.92 -15.84 -11.42
CA ALA A 74 -14.63 -16.10 -10.17
C ALA A 74 -15.00 -14.76 -9.51
N MET A 75 -13.97 -13.99 -9.16
CA MET A 75 -14.12 -12.65 -8.58
C MET A 75 -12.72 -12.08 -8.39
N SER A 76 -12.45 -10.90 -8.94
CA SER A 76 -11.13 -10.30 -8.76
C SER A 76 -10.96 -9.80 -7.32
N HIS A 77 -12.05 -9.27 -6.76
CA HIS A 77 -12.04 -8.79 -5.39
C HIS A 77 -13.37 -8.89 -4.66
N VAL A 78 -13.27 -9.19 -3.36
CA VAL A 78 -14.37 -9.12 -2.42
C VAL A 78 -13.74 -8.73 -1.08
N MET A 79 -14.46 -7.98 -0.26
CA MET A 79 -13.95 -7.54 1.04
C MET A 79 -13.62 -8.72 1.96
N PHE A 80 -12.65 -8.51 2.86
CA PHE A 80 -12.19 -9.54 3.80
C PHE A 80 -12.76 -9.38 5.22
N GLY A 81 -13.62 -8.38 5.43
CA GLY A 81 -14.23 -8.19 6.72
C GLY A 81 -15.44 -9.09 6.85
N GLY A 82 -15.35 -10.13 7.68
CA GLY A 82 -16.45 -11.06 7.85
C GLY A 82 -16.57 -12.10 6.74
N ILE A 83 -15.60 -12.10 5.83
CA ILE A 83 -15.60 -12.97 4.66
C ILE A 83 -14.23 -13.58 4.49
N THR A 84 -14.20 -14.82 4.01
CA THR A 84 -12.93 -15.42 3.60
C THR A 84 -13.16 -16.09 2.23
N HIS A 85 -12.08 -16.57 1.62
CA HIS A 85 -12.17 -17.12 0.27
C HIS A 85 -10.97 -18.04 0.02
N ALA A 86 -11.07 -18.88 -1.01
CA ALA A 86 -10.08 -19.91 -1.29
C ALA A 86 -8.67 -19.36 -1.56
N PRO A 87 -8.52 -18.36 -2.42
CA PRO A 87 -7.17 -17.84 -2.71
C PRO A 87 -6.40 -17.42 -1.46
N ALA A 88 -7.05 -16.73 -0.53
CA ALA A 88 -6.38 -16.29 0.68
C ALA A 88 -5.98 -17.46 1.58
N ILE A 89 -6.88 -18.43 1.71
CA ILE A 89 -6.59 -19.60 2.53
C ILE A 89 -5.42 -20.41 1.94
N GLU A 90 -5.43 -20.65 0.63
CA GLU A 90 -4.35 -21.40 -0.05
C GLU A 90 -3.02 -20.67 0.13
N LEU A 91 -3.01 -19.35 -0.08
CA LEU A 91 -1.78 -18.58 0.09
C LEU A 91 -1.26 -18.64 1.53
N CYS A 92 -2.14 -18.44 2.51
CA CYS A 92 -1.70 -18.47 3.89
C CYS A 92 -1.21 -19.88 4.26
N ARG A 93 -1.83 -20.92 3.71
CA ARG A 93 -1.35 -22.29 3.98
C ARG A 93 0.09 -22.45 3.48
N LYS A 94 0.38 -21.94 2.29
CA LYS A 94 1.72 -22.04 1.71
C LYS A 94 2.73 -21.24 2.53
N LEU A 95 2.37 -19.99 2.85
CA LEU A 95 3.29 -19.13 3.59
C LEU A 95 3.65 -19.68 4.96
N VAL A 96 2.66 -20.24 5.65
CA VAL A 96 2.89 -20.81 6.96
C VAL A 96 3.82 -22.02 6.86
N ALA A 97 3.55 -22.88 5.88
CA ALA A 97 4.29 -24.14 5.67
C ALA A 97 5.74 -23.92 5.25
N MET A 98 5.99 -22.92 4.41
CA MET A 98 7.33 -22.66 3.88
C MET A 98 8.24 -21.83 4.79
N THR A 99 7.67 -21.15 5.79
CA THR A 99 8.47 -20.36 6.71
C THR A 99 8.75 -21.16 7.98
N PRO A 100 9.70 -20.72 8.80
CA PRO A 100 10.03 -21.41 10.06
C PRO A 100 8.81 -21.69 10.93
N GLN A 101 8.88 -22.81 11.64
CA GLN A 101 7.77 -23.32 12.44
C GLN A 101 6.97 -22.30 13.27
N PRO A 102 7.63 -21.45 14.04
CA PRO A 102 6.94 -20.49 14.90
C PRO A 102 6.11 -19.44 14.18
N LEU A 103 6.44 -19.18 12.92
CA LEU A 103 5.72 -18.16 12.15
C LEU A 103 4.46 -18.77 11.55
N GLU A 104 3.33 -18.57 12.21
CA GLU A 104 2.09 -19.25 11.82
C GLU A 104 0.82 -18.38 11.75
N CYS A 105 0.96 -17.09 11.98
CA CYS A 105 -0.17 -16.16 11.90
C CYS A 105 0.16 -15.16 10.82
N VAL A 106 -0.74 -15.00 9.86
CA VAL A 106 -0.49 -14.18 8.68
C VAL A 106 -1.42 -12.97 8.58
N PHE A 107 -0.81 -11.80 8.38
CA PHE A 107 -1.55 -10.58 8.10
C PHE A 107 -1.21 -10.16 6.67
N LEU A 108 -2.16 -10.30 5.75
CA LEU A 108 -1.92 -9.92 4.37
C LEU A 108 -2.14 -8.42 4.22
N ALA A 109 -1.34 -7.77 3.37
CA ALA A 109 -1.52 -6.35 3.12
C ALA A 109 -1.21 -6.03 1.64
N ASP A 110 -1.18 -4.75 1.29
CA ASP A 110 -1.04 -4.39 -0.12
C ASP A 110 0.37 -4.10 -0.63
N SER A 111 1.24 -3.55 0.21
CA SER A 111 2.56 -3.17 -0.26
C SER A 111 3.60 -3.44 0.81
N GLY A 112 4.87 -3.48 0.42
CA GLY A 112 5.96 -3.76 1.35
C GLY A 112 6.01 -2.79 2.51
N SER A 113 5.92 -1.51 2.20
CA SER A 113 5.96 -0.49 3.23
C SER A 113 4.87 -0.70 4.27
N VAL A 114 3.67 -1.04 3.82
CA VAL A 114 2.58 -1.30 4.74
C VAL A 114 2.88 -2.54 5.58
N ALA A 115 3.50 -3.54 4.99
CA ALA A 115 3.86 -4.74 5.73
C ALA A 115 4.82 -4.44 6.88
N VAL A 116 5.78 -3.55 6.63
CA VAL A 116 6.70 -3.10 7.65
C VAL A 116 5.94 -2.32 8.73
N GLU A 117 5.04 -1.42 8.32
CA GLU A 117 4.24 -0.65 9.26
C GLU A 117 3.46 -1.59 10.18
N VAL A 118 2.92 -2.65 9.58
CA VAL A 118 2.18 -3.69 10.30
C VAL A 118 3.09 -4.35 11.32
N ALA A 119 4.29 -4.74 10.88
CA ALA A 119 5.25 -5.38 11.77
C ALA A 119 5.58 -4.48 12.96
N MET A 120 5.84 -3.20 12.69
CA MET A 120 6.18 -2.24 13.72
C MET A 120 5.02 -2.08 14.71
N LYS A 121 3.80 -1.96 14.19
CA LYS A 121 2.59 -1.85 15.02
C LYS A 121 2.38 -3.11 15.87
N MET A 122 2.67 -4.28 15.31
CA MET A 122 2.55 -5.52 16.08
C MET A 122 3.47 -5.44 17.30
N ALA A 123 4.72 -5.05 17.06
CA ALA A 123 5.70 -4.94 18.15
C ALA A 123 5.22 -3.95 19.22
N LEU A 124 4.72 -2.80 18.80
CA LEU A 124 4.23 -1.79 19.73
C LEU A 124 3.01 -2.27 20.52
N GLN A 125 2.05 -2.88 19.85
CA GLN A 125 0.83 -3.36 20.51
C GLN A 125 1.12 -4.53 21.43
N TYR A 126 2.08 -5.36 21.03
CA TYR A 126 2.53 -6.48 21.82
C TYR A 126 3.00 -6.00 23.19
N TRP A 127 3.91 -5.03 23.21
CA TRP A 127 4.42 -4.52 24.47
C TRP A 127 3.37 -3.73 25.24
N GLN A 128 2.48 -3.03 24.53
CA GLN A 128 1.40 -2.30 25.18
C GLN A 128 0.54 -3.28 25.99
N ALA A 129 0.27 -4.45 25.39
CA ALA A 129 -0.56 -5.46 26.04
C ALA A 129 0.16 -6.07 27.25
N LYS A 130 1.49 -6.14 27.22
CA LYS A 130 2.28 -6.68 28.31
C LYS A 130 2.55 -5.64 29.38
N GLY A 131 2.15 -4.40 29.12
CA GLY A 131 2.32 -3.32 30.07
C GLY A 131 3.74 -2.82 30.21
N GLU A 132 4.52 -2.97 29.15
CA GLU A 132 5.91 -2.54 29.16
C GLU A 132 6.08 -1.31 28.29
N ALA A 133 6.80 -0.31 28.80
CA ALA A 133 7.05 0.91 28.05
C ALA A 133 8.18 0.67 27.05
N ARG A 134 7.83 0.14 25.88
CA ARG A 134 8.80 -0.13 24.83
C ARG A 134 8.33 0.45 23.50
N GLN A 135 8.99 1.51 23.03
CA GLN A 135 8.60 2.15 21.78
C GLN A 135 9.77 2.42 20.84
N ARG A 136 10.97 1.95 21.18
CA ARG A 136 12.13 2.14 20.33
C ARG A 136 12.38 0.97 19.42
N PHE A 137 12.96 1.24 18.26
CA PHE A 137 13.41 0.19 17.36
C PHE A 137 14.92 0.31 17.21
N LEU A 138 15.59 -0.83 17.19
CA LEU A 138 17.02 -0.87 17.01
C LEU A 138 17.26 -1.44 15.62
N THR A 139 18.01 -0.73 14.79
CA THR A 139 18.28 -1.20 13.44
C THR A 139 19.72 -0.92 13.03
N PHE A 140 20.05 -1.25 11.78
CA PHE A 140 21.39 -1.05 11.21
C PHE A 140 21.43 0.19 10.33
N ARG A 141 22.57 0.86 10.28
CA ARG A 141 22.77 1.91 9.29
C ARG A 141 22.77 1.23 7.90
N ASN A 142 22.46 2.00 6.87
CA ASN A 142 22.35 1.49 5.49
C ASN A 142 21.14 0.59 5.23
N GLY A 143 20.18 0.58 6.15
CA GLY A 143 18.98 -0.22 5.97
C GLY A 143 17.89 0.53 5.22
N TYR A 144 16.98 -0.22 4.63
CA TYR A 144 15.83 0.35 3.93
C TYR A 144 14.64 -0.52 4.20
N HIS A 145 13.53 0.11 4.59
CA HIS A 145 12.33 -0.64 4.93
C HIS A 145 11.05 -0.05 4.34
N GLY A 146 11.18 0.94 3.45
CA GLY A 146 10.00 1.52 2.82
C GLY A 146 9.90 3.03 2.96
N ASP A 147 8.88 3.62 2.35
CA ASP A 147 8.72 5.08 2.30
C ASP A 147 7.62 5.71 3.12
N THR A 148 6.75 4.92 3.74
CA THR A 148 5.73 5.51 4.59
C THR A 148 6.44 5.95 5.88
N PHE A 149 5.79 6.78 6.69
CA PHE A 149 6.48 7.41 7.82
C PHE A 149 7.07 6.46 8.86
N GLY A 150 6.34 5.40 9.22
CA GLY A 150 6.87 4.43 10.17
C GLY A 150 8.10 3.73 9.59
N ALA A 151 7.97 3.23 8.36
CA ALA A 151 9.09 2.58 7.69
C ALA A 151 10.28 3.53 7.57
N MET A 152 10.02 4.76 7.15
CA MET A 152 11.07 5.76 7.04
C MET A 152 11.89 5.92 8.34
N SER A 153 11.21 5.80 9.48
CA SER A 153 11.85 6.01 10.79
C SER A 153 12.92 4.96 11.12
N VAL A 154 12.97 3.88 10.35
CA VAL A 154 14.02 2.86 10.56
C VAL A 154 14.96 2.73 9.35
N CYS A 155 14.81 3.62 8.38
CA CYS A 155 15.70 3.68 7.23
C CYS A 155 16.94 4.50 7.61
N ASP A 156 18.02 4.27 6.86
CA ASP A 156 19.28 5.00 7.09
C ASP A 156 18.97 6.50 7.09
N PRO A 157 19.34 7.19 8.15
CA PRO A 157 19.02 8.61 8.27
C PRO A 157 19.66 9.44 7.15
N ASP A 158 20.76 8.93 6.61
CA ASP A 158 21.52 9.62 5.57
C ASP A 158 21.00 9.32 4.17
N ASN A 159 20.95 8.04 3.81
CA ASN A 159 20.40 7.64 2.52
C ASN A 159 18.95 8.11 2.36
N SER A 160 18.19 8.03 3.44
CA SER A 160 16.77 8.37 3.46
C SER A 160 16.51 9.87 3.80
N MET A 161 17.61 10.66 4.00
CA MET A 161 17.63 12.15 4.22
C MET A 161 16.70 12.64 5.34
N HIS A 162 16.79 12.04 6.51
CA HIS A 162 15.94 12.36 7.65
C HIS A 162 15.88 13.86 8.03
N SER A 163 16.86 14.62 7.58
CA SER A 163 16.88 16.06 7.86
C SER A 163 15.63 16.73 7.30
N LEU A 164 15.09 16.18 6.21
CA LEU A 164 13.88 16.70 5.60
C LEU A 164 12.68 16.63 6.53
N TRP A 165 12.69 15.66 7.44
CA TRP A 165 11.54 15.40 8.31
C TRP A 165 11.87 15.54 9.80
N LYS A 166 13.06 16.05 10.10
CA LYS A 166 13.51 16.19 11.49
C LYS A 166 12.44 16.87 12.33
N GLY A 167 11.92 16.14 13.30
CA GLY A 167 10.89 16.65 14.17
C GLY A 167 9.59 15.92 13.95
N TYR A 168 9.44 15.27 12.80
CA TYR A 168 8.22 14.53 12.51
C TYR A 168 8.43 13.04 12.78
N LEU A 169 9.58 12.52 12.39
CA LEU A 169 9.87 11.11 12.59
C LEU A 169 10.29 10.80 14.03
N PRO A 170 9.80 9.70 14.58
CA PRO A 170 10.26 9.23 15.88
C PRO A 170 11.76 8.93 15.78
N GLU A 171 12.51 9.07 16.86
CA GLU A 171 13.96 8.82 16.82
C GLU A 171 14.33 7.41 17.27
N ASN A 172 14.79 6.58 16.34
CA ASN A 172 15.17 5.20 16.68
C ASN A 172 16.68 5.03 16.86
N LEU A 173 17.11 3.81 17.14
CA LEU A 173 18.51 3.52 17.40
C LEU A 173 19.17 2.88 16.19
N PHE A 174 20.31 3.43 15.79
CA PHE A 174 21.00 2.95 14.61
C PHE A 174 22.39 2.43 14.92
N ALA A 175 22.55 1.13 14.83
CA ALA A 175 23.84 0.52 15.06
C ALA A 175 24.61 0.62 13.76
N PRO A 176 25.93 0.53 13.83
CA PRO A 176 26.75 0.61 12.62
C PRO A 176 26.36 -0.45 11.62
N ALA A 177 26.56 -0.15 10.34
CA ALA A 177 26.30 -1.10 9.28
C ALA A 177 27.24 -2.28 9.47
N PRO A 178 26.74 -3.49 9.25
CA PRO A 178 27.56 -4.68 9.42
C PRO A 178 28.75 -4.64 8.47
N GLN A 179 29.96 -4.80 9.00
CA GLN A 179 31.19 -4.76 8.21
C GLN A 179 31.55 -6.11 7.60
N SER A 180 31.57 -7.16 8.42
CA SER A 180 31.92 -8.50 7.97
C SER A 180 31.17 -8.88 6.69
N ARG A 181 31.90 -9.31 5.66
CA ARG A 181 31.32 -9.63 4.36
C ARG A 181 30.82 -11.06 4.24
N MET A 182 29.75 -11.23 3.48
CA MET A 182 29.16 -12.54 3.24
C MET A 182 30.20 -13.47 2.59
N GLY A 184 33.48 -13.55 3.48
CA GLY A 184 34.51 -12.94 4.31
C GLY A 184 34.55 -13.57 5.70
N GLU A 185 35.52 -13.16 6.50
CA GLU A 185 35.68 -13.68 7.85
C GLU A 185 35.01 -12.78 8.89
N TRP A 186 34.57 -13.39 9.98
CA TRP A 186 33.90 -12.68 11.05
C TRP A 186 34.92 -11.96 11.90
N ASP A 187 34.64 -10.69 12.19
CA ASP A 187 35.47 -9.91 13.09
C ASP A 187 34.60 -9.52 14.28
N GLU A 188 34.95 -10.04 15.45
CA GLU A 188 34.18 -9.80 16.66
C GLU A 188 34.00 -8.32 17.01
N ARG A 189 34.92 -7.48 16.53
CA ARG A 189 34.85 -6.04 16.79
C ARG A 189 33.66 -5.37 16.10
N ASP A 190 33.13 -6.05 15.08
CA ASP A 190 31.95 -5.59 14.35
C ASP A 190 30.76 -5.41 15.32
N MET A 191 30.71 -6.22 16.39
CA MET A 191 29.61 -6.19 17.37
C MET A 191 29.64 -5.05 18.42
N VAL A 192 30.78 -4.40 18.63
CA VAL A 192 30.90 -3.39 19.72
C VAL A 192 29.80 -2.30 19.70
N GLY A 193 29.49 -1.75 18.51
CA GLY A 193 28.46 -0.73 18.36
C GLY A 193 27.05 -1.19 18.70
N PHE A 194 26.64 -2.32 18.13
CA PHE A 194 25.32 -2.90 18.38
C PHE A 194 25.18 -3.22 19.87
N ALA A 195 26.23 -3.78 20.46
CA ALA A 195 26.23 -4.14 21.88
C ALA A 195 26.07 -2.91 22.79
N ARG A 196 26.79 -1.84 22.48
CA ARG A 196 26.72 -0.60 23.26
C ARG A 196 25.27 -0.09 23.32
N LEU A 197 24.61 -0.04 22.17
CA LEU A 197 23.22 0.43 22.11
C LEU A 197 22.29 -0.48 22.92
N MET A 198 22.41 -1.78 22.73
CA MET A 198 21.58 -2.74 23.44
C MET A 198 21.72 -2.57 24.96
N ALA A 199 22.94 -2.34 25.45
CA ALA A 199 23.18 -2.18 26.89
C ALA A 199 22.48 -0.94 27.46
N ALA A 200 22.60 0.18 26.76
CA ALA A 200 22.01 1.43 27.21
C ALA A 200 20.48 1.46 27.03
N HIS A 201 19.92 0.69 26.09
CA HIS A 201 18.49 0.78 25.78
C HIS A 201 17.66 -0.51 25.83
N ARG A 202 18.25 -1.62 26.29
CA ARG A 202 17.53 -2.89 26.31
C ARG A 202 16.13 -2.80 26.91
N HIS A 203 15.96 -1.93 27.91
CA HIS A 203 14.68 -1.79 28.59
C HIS A 203 13.58 -1.13 27.76
N GLU A 204 13.94 -0.31 26.78
CA GLU A 204 12.94 0.39 25.97
C GLU A 204 12.83 -0.07 24.50
N ILE A 205 13.62 -1.06 24.11
CA ILE A 205 13.55 -1.54 22.73
C ILE A 205 12.39 -2.51 22.51
N ALA A 206 11.52 -2.16 21.56
CA ALA A 206 10.38 -2.99 21.22
C ALA A 206 10.81 -4.13 20.31
N ALA A 207 11.66 -3.82 19.34
CA ALA A 207 12.15 -4.83 18.41
C ALA A 207 13.43 -4.39 17.70
N VAL A 208 14.14 -5.37 17.18
CA VAL A 208 15.26 -5.15 16.31
C VAL A 208 14.69 -5.43 14.93
N ILE A 209 14.95 -4.54 13.97
CA ILE A 209 14.51 -4.76 12.60
C ILE A 209 15.69 -4.63 11.64
N ILE A 210 15.87 -5.63 10.79
CA ILE A 210 16.96 -5.63 9.83
C ILE A 210 16.57 -6.37 8.55
N GLU A 211 17.32 -6.11 7.48
CA GLU A 211 17.22 -6.88 6.25
C GLU A 211 18.28 -7.97 6.42
N PRO A 212 17.89 -9.24 6.38
CA PRO A 212 18.85 -10.33 6.56
C PRO A 212 19.79 -10.53 5.37
N ILE A 213 21.09 -10.56 5.65
CA ILE A 213 22.15 -10.83 4.67
C ILE A 213 22.39 -9.75 3.61
N VAL A 214 21.33 -9.26 2.99
CA VAL A 214 21.48 -8.25 1.95
C VAL A 214 20.75 -6.97 2.31
N GLN A 215 21.48 -5.86 2.37
CA GLN A 215 20.91 -4.55 2.56
C GLN A 215 20.75 -3.99 1.14
N GLY A 216 19.51 -3.94 0.67
CA GLY A 216 19.23 -3.56 -0.71
C GLY A 216 19.36 -2.10 -1.09
N ALA A 217 18.24 -1.37 -1.03
CA ALA A 217 18.21 0.02 -1.47
C ALA A 217 19.23 0.90 -0.76
N GLY A 218 19.68 0.48 0.41
CA GLY A 218 20.63 1.24 1.20
C GLY A 218 22.08 1.05 0.82
N GLY A 219 22.35 0.24 -0.20
CA GLY A 219 23.71 0.08 -0.70
C GLY A 219 24.06 -1.27 -1.29
N MET A 220 23.09 -2.17 -1.45
CA MET A 220 23.33 -3.48 -2.02
C MET A 220 24.53 -4.12 -1.33
N ARG A 221 24.49 -4.11 -0.01
CA ARG A 221 25.56 -4.65 0.82
C ARG A 221 25.25 -6.09 1.18
N MET A 222 26.30 -6.89 1.34
CA MET A 222 26.14 -8.31 1.63
C MET A 222 26.97 -8.66 2.84
N TYR A 223 26.32 -9.03 3.95
CA TYR A 223 27.06 -9.27 5.19
C TYR A 223 27.02 -10.72 5.71
N HIS A 224 27.90 -10.98 6.67
CA HIS A 224 28.10 -12.31 7.24
C HIS A 224 26.89 -12.81 8.04
N PRO A 225 26.47 -14.05 7.81
CA PRO A 225 25.33 -14.65 8.53
C PRO A 225 25.49 -14.77 10.05
N GLU A 226 26.73 -14.70 10.55
CA GLU A 226 26.97 -14.76 11.98
C GLU A 226 26.24 -13.61 12.68
N TRP A 227 26.08 -12.48 11.99
CA TRP A 227 25.33 -11.35 12.53
C TRP A 227 23.92 -11.74 12.92
N LEU A 228 23.26 -12.53 12.09
CA LEU A 228 21.89 -12.93 12.37
C LEU A 228 21.86 -13.89 13.57
N LYS A 229 22.80 -14.82 13.59
CA LYS A 229 22.88 -15.77 14.68
C LYS A 229 22.99 -15.05 16.02
N ARG A 230 23.85 -14.04 16.07
CA ARG A 230 24.05 -13.27 17.29
C ARG A 230 22.86 -12.43 17.67
N ILE A 231 22.29 -11.74 16.68
CA ILE A 231 21.14 -10.89 16.93
C ILE A 231 19.99 -11.74 17.48
N ARG A 232 19.80 -12.94 16.94
CA ARG A 232 18.76 -13.83 17.44
C ARG A 232 19.03 -14.18 18.91
N LYS A 233 20.29 -14.49 19.25
CA LYS A 233 20.65 -14.84 20.62
C LYS A 233 20.48 -13.67 21.58
N ILE A 234 20.87 -12.49 21.14
CA ILE A 234 20.74 -11.30 21.97
C ILE A 234 19.25 -10.99 22.21
N CYS A 235 18.44 -11.06 21.16
CA CYS A 235 17.01 -10.81 21.30
C CYS A 235 16.35 -11.81 22.25
N ASP A 236 16.69 -13.08 22.08
CA ASP A 236 16.19 -14.13 22.96
C ASP A 236 16.53 -13.80 24.39
N ARG A 237 17.78 -13.36 24.56
CA ARG A 237 18.33 -13.07 25.87
C ARG A 237 17.61 -11.90 26.56
N GLU A 238 17.23 -10.88 25.80
CA GLU A 238 16.58 -9.69 26.34
C GLU A 238 15.06 -9.74 26.24
N GLY A 239 14.53 -10.75 25.57
CA GLY A 239 13.09 -10.90 25.39
C GLY A 239 12.57 -9.92 24.36
N ILE A 240 13.44 -9.48 23.46
CA ILE A 240 13.09 -8.51 22.43
C ILE A 240 12.66 -9.23 21.15
N LEU A 241 11.70 -8.64 20.44
CA LEU A 241 11.22 -9.20 19.19
C LEU A 241 12.19 -8.93 18.05
N LEU A 242 12.38 -9.90 17.17
CA LEU A 242 13.20 -9.72 15.97
C LEU A 242 12.32 -9.65 14.73
N ILE A 243 12.39 -8.52 14.01
CA ILE A 243 11.68 -8.39 12.75
C ILE A 243 12.68 -8.55 11.60
N ALA A 244 12.44 -9.53 10.75
CA ALA A 244 13.25 -9.71 9.56
C ALA A 244 12.50 -9.19 8.35
N ASP A 245 13.05 -8.17 7.70
CA ASP A 245 12.43 -7.63 6.50
C ASP A 245 12.99 -8.35 5.27
N GLU A 246 12.25 -9.34 4.77
CA GLU A 246 12.65 -10.10 3.59
C GLU A 246 11.82 -9.72 2.36
N ILE A 247 11.37 -8.48 2.31
CA ILE A 247 10.60 -8.05 1.16
C ILE A 247 11.43 -8.14 -0.13
N ALA A 248 12.75 -7.95 -0.04
CA ALA A 248 13.63 -8.09 -1.19
C ALA A 248 14.35 -9.45 -1.29
N THR A 249 14.74 -10.02 -0.16
CA THR A 249 15.52 -11.26 -0.14
C THR A 249 14.70 -12.55 -0.22
N GLY A 250 13.39 -12.46 0.02
CA GLY A 250 12.54 -13.63 0.04
C GLY A 250 12.39 -14.38 -1.27
N PHE A 251 11.98 -15.64 -1.16
CA PHE A 251 11.66 -16.45 -2.32
C PHE A 251 12.83 -16.75 -3.27
N GLY A 252 13.96 -17.11 -2.69
CA GLY A 252 15.10 -17.67 -3.40
C GLY A 252 16.22 -16.77 -3.88
N ARG A 253 16.02 -15.46 -3.83
CA ARG A 253 16.98 -14.54 -4.47
C ARG A 253 18.46 -14.72 -4.06
N THR A 254 18.72 -14.95 -2.77
CA THR A 254 20.10 -15.08 -2.28
C THR A 254 20.66 -16.49 -2.33
N GLY A 255 19.88 -17.43 -2.88
CA GLY A 255 20.32 -18.81 -2.98
C GLY A 255 19.63 -19.75 -2.02
N LYS A 256 18.95 -19.18 -1.02
CA LYS A 256 18.13 -19.96 -0.09
C LYS A 256 16.72 -19.39 -0.16
N LEU A 257 15.72 -20.18 0.21
CA LEU A 257 14.34 -19.76 0.06
C LEU A 257 14.08 -18.41 0.76
N PHE A 258 14.56 -18.29 1.98
CA PHE A 258 14.52 -17.04 2.74
C PHE A 258 15.94 -16.81 3.28
N ALA A 259 16.42 -15.57 3.23
CA ALA A 259 17.79 -15.27 3.64
C ALA A 259 18.09 -15.65 5.08
N CYS A 260 17.07 -15.71 5.93
CA CYS A 260 17.27 -16.08 7.31
C CYS A 260 17.88 -17.47 7.41
N GLU A 261 17.64 -18.28 6.39
CA GLU A 261 18.15 -19.65 6.35
C GLU A 261 19.67 -19.68 6.38
N HIS A 262 20.32 -18.67 5.82
CA HIS A 262 21.77 -18.62 5.82
C HIS A 262 22.31 -18.75 7.24
N ALA A 263 21.51 -18.39 8.23
CA ALA A 263 21.91 -18.48 9.64
C ALA A 263 21.07 -19.50 10.42
N GLU A 264 20.12 -20.14 9.75
CA GLU A 264 19.20 -21.10 10.37
C GLU A 264 18.56 -20.50 11.61
N ILE A 265 18.00 -19.30 11.42
CA ILE A 265 17.38 -18.53 12.48
C ILE A 265 15.96 -18.22 12.08
N ALA A 266 15.08 -18.01 13.06
CA ALA A 266 13.70 -17.62 12.81
C ALA A 266 13.42 -16.30 13.51
N PRO A 267 12.85 -15.34 12.78
CA PRO A 267 12.49 -14.08 13.41
C PRO A 267 11.16 -14.25 14.13
N ASP A 268 10.76 -13.26 14.92
CA ASP A 268 9.46 -13.27 15.57
C ASP A 268 8.43 -12.71 14.61
N ILE A 269 8.89 -11.83 13.74
CA ILE A 269 8.05 -11.21 12.72
C ILE A 269 8.80 -11.20 11.40
N LEU A 270 8.12 -11.61 10.33
CA LEU A 270 8.69 -11.70 8.98
C LEU A 270 7.85 -10.91 7.99
N CYS A 271 8.49 -10.01 7.23
CA CYS A 271 7.82 -9.22 6.23
C CYS A 271 8.20 -9.73 4.84
N LEU A 272 7.20 -9.87 3.97
CA LEU A 272 7.38 -10.39 2.63
C LEU A 272 6.63 -9.50 1.62
N GLY A 273 7.13 -9.44 0.40
CA GLY A 273 6.49 -8.65 -0.64
C GLY A 273 7.17 -8.94 -1.98
N1 LLP A 274 11.64 -3.23 2.61
C2 LLP A 274 12.59 -3.75 1.75
C2' LLP A 274 13.76 -4.51 2.32
C3 LLP A 274 12.44 -3.57 0.38
O3 LLP A 274 13.29 -4.02 -0.40
C4 LLP A 274 11.36 -2.87 -0.13
C4' LLP A 274 11.26 -2.70 -1.63
C5 LLP A 274 10.40 -2.34 0.75
C6 LLP A 274 10.57 -2.52 2.11
C5' LLP A 274 9.21 -1.54 0.28
OP4 LLP A 274 8.19 -2.10 -0.55
P LLP A 274 7.18 -1.17 -1.39
OP1 LLP A 274 8.06 -0.44 -2.36
OP2 LLP A 274 6.53 -0.29 -0.39
OP3 LLP A 274 6.27 -2.15 -2.00
N LLP A 274 7.34 -7.88 -2.78
CA LLP A 274 7.95 -7.96 -4.12
CB LLP A 274 9.45 -7.59 -4.07
CG LLP A 274 9.74 -6.13 -3.60
CD LLP A 274 11.13 -5.60 -4.00
CE LLP A 274 11.43 -4.13 -3.54
NZ LLP A 274 10.98 -3.89 -2.14
C LLP A 274 7.68 -9.29 -4.88
O LLP A 274 6.67 -9.43 -5.55
N ALA A 275 8.57 -10.27 -4.73
CA ALA A 275 8.46 -11.53 -5.48
C ALA A 275 7.30 -12.44 -5.05
N LEU A 276 6.60 -12.06 -3.99
CA LEU A 276 5.46 -12.81 -3.48
C LEU A 276 4.47 -13.18 -4.59
N THR A 277 4.15 -12.23 -5.46
CA THR A 277 3.22 -12.45 -6.57
C THR A 277 3.89 -12.73 -7.90
N GLY A 278 5.19 -12.96 -7.89
CA GLY A 278 5.92 -13.17 -9.12
C GLY A 278 6.03 -11.85 -9.87
N GLY A 279 5.90 -10.75 -9.13
CA GLY A 279 5.97 -9.43 -9.74
C GLY A 279 4.88 -9.16 -10.76
N THR A 280 3.67 -9.65 -10.51
CA THR A 280 2.54 -9.39 -11.41
C THR A 280 1.71 -8.21 -10.94
N MET A 281 1.69 -8.02 -9.63
CA MET A 281 0.86 -6.99 -9.02
C MET A 281 1.23 -6.89 -7.54
N THR A 282 0.79 -5.83 -6.87
CA THR A 282 1.24 -5.64 -5.49
C THR A 282 0.50 -6.50 -4.47
N LEU A 283 1.25 -7.01 -3.51
CA LEU A 283 0.73 -7.77 -2.38
C LEU A 283 1.87 -7.90 -1.39
N SER A 284 1.55 -7.99 -0.11
CA SER A 284 2.55 -8.19 0.92
C SER A 284 2.00 -9.08 2.01
N ALA A 285 2.87 -9.56 2.89
CA ALA A 285 2.44 -10.36 4.02
C ALA A 285 3.37 -10.16 5.20
N THR A 286 2.79 -10.11 6.39
CA THR A 286 3.56 -10.05 7.60
C THR A 286 3.15 -11.24 8.44
N LEU A 287 4.11 -12.11 8.73
CA LEU A 287 3.84 -13.27 9.55
C LEU A 287 4.43 -13.07 10.94
N THR A 288 3.77 -13.62 11.94
CA THR A 288 4.30 -13.57 13.28
C THR A 288 3.92 -14.84 14.02
N THR A 289 4.29 -14.90 15.28
CA THR A 289 4.06 -16.07 16.12
C THR A 289 2.74 -15.99 16.85
N ARG A 290 2.31 -17.13 17.37
CA ARG A 290 1.12 -17.24 18.19
C ARG A 290 1.26 -16.35 19.43
N GLU A 291 2.45 -16.36 20.03
CA GLU A 291 2.69 -15.53 21.22
C GLU A 291 2.41 -14.05 20.94
N VAL A 292 2.85 -13.58 19.78
CA VAL A 292 2.63 -12.18 19.44
C VAL A 292 1.16 -11.90 19.11
N ALA A 293 0.58 -12.72 18.25
CA ALA A 293 -0.80 -12.51 17.78
C ALA A 293 -1.83 -12.58 18.90
N GLU A 294 -1.70 -13.57 19.76
CA GLU A 294 -2.63 -13.77 20.88
C GLU A 294 -2.47 -12.67 21.93
N THR A 295 -1.23 -12.36 22.27
CA THR A 295 -0.95 -11.31 23.24
C THR A 295 -1.66 -10.02 22.81
N ILE A 296 -1.50 -9.65 21.55
CA ILE A 296 -2.13 -8.44 21.03
C ILE A 296 -3.66 -8.48 21.17
N SER A 297 -4.29 -9.58 20.77
CA SER A 297 -5.74 -9.68 20.84
C SER A 297 -6.26 -9.71 22.28
N ASN A 298 -5.39 -10.09 23.23
CA ASN A 298 -5.76 -10.10 24.65
C ASN A 298 -5.51 -8.76 25.36
N GLY A 299 -4.98 -7.78 24.64
CA GLY A 299 -4.80 -6.42 25.17
C GLY A 299 -6.08 -5.59 25.07
N GLU A 300 -5.98 -4.30 25.37
CA GLU A 300 -7.15 -3.41 25.46
C GLU A 300 -7.94 -3.19 24.17
N ALA A 301 -7.26 -3.23 23.03
CA ALA A 301 -7.93 -3.04 21.74
C ALA A 301 -8.75 -4.26 21.35
N GLY A 302 -8.43 -5.40 21.94
CA GLY A 302 -9.12 -6.65 21.64
C GLY A 302 -8.86 -7.18 20.24
N CYS A 303 -7.86 -6.62 19.56
CA CYS A 303 -7.53 -7.03 18.21
C CYS A 303 -6.27 -6.33 17.75
N PHE A 304 -5.74 -6.76 16.61
CA PHE A 304 -4.64 -6.05 15.99
C PHE A 304 -5.30 -4.93 15.17
N MET A 305 -4.92 -3.70 15.47
CA MET A 305 -5.57 -2.52 14.91
C MET A 305 -5.10 -2.12 13.51
N HIS A 306 -5.43 -2.95 12.52
CA HIS A 306 -5.07 -2.68 11.13
C HIS A 306 -6.00 -3.50 10.22
N GLY A 307 -6.28 -2.98 9.03
CA GLY A 307 -7.15 -3.68 8.10
C GLY A 307 -7.38 -2.90 6.82
N PRO A 308 -6.47 -3.04 5.86
CA PRO A 308 -6.55 -2.31 4.59
C PRO A 308 -7.75 -2.74 3.76
N THR A 309 -8.30 -1.80 3.01
CA THR A 309 -9.48 -2.03 2.20
C THR A 309 -9.38 -3.27 1.34
N PHE A 310 -8.26 -3.43 0.64
CA PHE A 310 -8.08 -4.56 -0.26
C PHE A 310 -7.36 -5.76 0.37
N MET A 311 -7.40 -5.84 1.69
CA MET A 311 -6.76 -6.95 2.40
C MET A 311 -7.25 -8.28 1.85
N GLY A 312 -6.32 -9.18 1.58
CA GLY A 312 -6.63 -10.51 1.06
C GLY A 312 -7.14 -10.57 -0.37
N ASN A 313 -6.92 -9.51 -1.14
CA ASN A 313 -7.38 -9.44 -2.53
C ASN A 313 -7.27 -10.77 -3.27
N PRO A 314 -8.40 -11.39 -3.61
CA PRO A 314 -8.40 -12.67 -4.32
C PRO A 314 -7.48 -12.72 -5.53
N LEU A 315 -7.48 -11.69 -6.37
CA LEU A 315 -6.67 -11.72 -7.59
C LEU A 315 -5.18 -11.84 -7.28
N ALA A 316 -4.68 -10.96 -6.41
CA ALA A 316 -3.27 -10.96 -6.01
C ALA A 316 -2.91 -12.25 -5.28
N CYS A 317 -3.83 -12.75 -4.45
CA CYS A 317 -3.58 -14.01 -3.77
C CYS A 317 -3.42 -15.17 -4.77
N ALA A 318 -4.23 -15.16 -5.82
CA ALA A 318 -4.19 -16.21 -6.83
C ALA A 318 -2.88 -16.15 -7.63
N ALA A 319 -2.43 -14.93 -7.90
CA ALA A 319 -1.16 -14.73 -8.59
C ALA A 319 -0.02 -15.28 -7.72
N ALA A 320 -0.04 -14.95 -6.43
CA ALA A 320 0.99 -15.40 -5.49
C ALA A 320 0.98 -16.91 -5.34
N ASN A 321 -0.22 -17.49 -5.31
CA ASN A 321 -0.34 -18.95 -5.25
C ASN A 321 0.33 -19.60 -6.45
N ALA A 322 0.09 -19.07 -7.64
CA ALA A 322 0.69 -19.61 -8.85
C ALA A 322 2.22 -19.44 -8.82
N SER A 323 2.68 -18.27 -8.36
CA SER A 323 4.11 -18.00 -8.25
C SER A 323 4.79 -18.96 -7.27
N LEU A 324 4.15 -19.20 -6.13
CA LEU A 324 4.68 -20.13 -5.14
C LEU A 324 4.70 -21.57 -5.67
N ALA A 325 3.68 -21.92 -6.47
CA ALA A 325 3.58 -23.26 -7.07
C ALA A 325 4.72 -23.51 -8.05
N ILE A 326 5.19 -22.47 -8.71
CA ILE A 326 6.33 -22.61 -9.61
C ILE A 326 7.58 -22.91 -8.74
N LEU A 327 7.73 -22.20 -7.63
CA LEU A 327 8.86 -22.39 -6.72
C LEU A 327 8.86 -23.77 -6.06
N GLU A 328 7.66 -24.33 -5.84
CA GLU A 328 7.53 -25.65 -5.22
C GLU A 328 8.29 -26.74 -5.94
N SER A 329 8.44 -26.62 -7.25
CA SER A 329 9.21 -27.58 -8.05
C SER A 329 10.67 -27.69 -7.60
N GLY A 330 11.23 -26.63 -7.02
CA GLY A 330 12.62 -26.61 -6.61
C GLY A 330 13.62 -26.24 -7.69
N ASP A 331 13.17 -26.00 -8.93
CA ASP A 331 14.07 -25.64 -10.03
C ASP A 331 14.86 -24.36 -9.77
N TRP A 332 14.26 -23.43 -9.05
CA TRP A 332 14.91 -22.15 -8.74
C TRP A 332 16.26 -22.34 -8.07
N GLN A 333 16.39 -23.40 -7.27
CA GLN A 333 17.64 -23.65 -6.54
C GLN A 333 18.84 -23.73 -7.48
N GLN A 334 18.77 -24.59 -8.50
CA GLN A 334 19.88 -24.74 -9.44
C GLN A 334 19.97 -23.56 -10.40
N GLN A 335 18.84 -22.93 -10.69
CA GLN A 335 18.82 -21.77 -11.57
C GLN A 335 19.59 -20.62 -10.93
N VAL A 336 19.40 -20.40 -9.63
CA VAL A 336 20.08 -19.33 -8.93
C VAL A 336 21.56 -19.66 -8.74
N ALA A 337 21.86 -20.93 -8.43
CA ALA A 337 23.25 -21.35 -8.22
C ALA A 337 24.04 -21.11 -9.49
N ASP A 338 23.45 -21.42 -10.64
CA ASP A 338 24.13 -21.22 -11.92
C ASP A 338 24.27 -19.73 -12.24
N ILE A 339 23.23 -18.95 -11.94
CA ILE A 339 23.30 -17.50 -12.15
C ILE A 339 24.43 -16.91 -11.30
N GLU A 340 24.60 -17.43 -10.07
CA GLU A 340 25.66 -16.95 -9.18
C GLU A 340 27.06 -17.21 -9.75
N VAL A 341 27.27 -18.42 -10.26
CA VAL A 341 28.54 -18.76 -10.86
C VAL A 341 28.82 -17.87 -12.06
N GLN A 342 27.83 -17.71 -12.93
CA GLN A 342 28.00 -16.87 -14.12
C GLN A 342 28.24 -15.40 -13.75
N LEU A 343 27.55 -14.90 -12.73
CA LEU A 343 27.78 -13.52 -12.29
C LEU A 343 29.22 -13.35 -11.77
N ARG A 344 29.67 -14.31 -10.98
CA ARG A 344 31.02 -14.26 -10.40
C ARG A 344 32.07 -14.28 -11.53
N GLU A 345 31.90 -15.24 -12.43
CA GLU A 345 32.83 -15.49 -13.56
C GLU A 345 32.88 -14.14 -14.46
N GLN A 346 31.70 -13.58 -14.82
CA GLN A 346 31.53 -12.54 -15.84
C GLN A 346 31.76 -11.12 -15.33
N LEU A 347 31.57 -10.93 -14.02
CA LEU A 347 31.75 -9.62 -13.43
C LEU A 347 33.18 -9.47 -12.91
N ALA A 348 33.90 -10.58 -12.82
CA ALA A 348 35.28 -10.54 -12.33
C ALA A 348 36.15 -9.48 -13.04
N PRO A 349 36.04 -9.36 -14.36
CA PRO A 349 36.83 -8.37 -15.11
C PRO A 349 36.58 -6.92 -14.68
N ALA A 350 35.42 -6.62 -14.10
CA ALA A 350 35.16 -5.26 -13.65
C ALA A 350 36.17 -4.88 -12.58
N ARG A 351 36.80 -5.87 -11.97
CA ARG A 351 37.84 -5.62 -10.98
C ARG A 351 39.11 -5.02 -11.62
N ASP A 352 39.20 -5.05 -12.95
CA ASP A 352 40.33 -4.44 -13.66
C ASP A 352 39.98 -3.04 -14.20
N ALA A 353 38.72 -2.64 -14.06
CA ALA A 353 38.22 -1.39 -14.63
C ALA A 353 38.50 -0.17 -13.74
N GLU A 354 38.85 0.95 -14.37
CA GLU A 354 39.21 2.15 -13.63
C GLU A 354 38.07 2.72 -12.80
N MET A 355 36.83 2.61 -13.27
CA MET A 355 35.70 3.22 -12.57
C MET A 355 35.10 2.39 -11.43
N VAL A 356 35.70 1.25 -11.10
CA VAL A 356 35.13 0.33 -10.12
C VAL A 356 35.78 0.39 -8.72
N ALA A 357 34.93 0.40 -7.70
CA ALA A 357 35.38 0.38 -6.31
C ALA A 357 35.32 -1.02 -5.69
N ASP A 358 34.35 -1.82 -6.13
CA ASP A 358 34.11 -3.15 -5.56
C ASP A 358 33.15 -3.97 -6.42
N VAL A 359 33.31 -5.30 -6.39
CA VAL A 359 32.42 -6.22 -7.07
C VAL A 359 32.01 -7.29 -6.04
N ARG A 360 30.73 -7.57 -5.94
CA ARG A 360 30.22 -8.59 -5.01
C ARG A 360 28.99 -9.28 -5.59
N VAL A 361 28.92 -10.60 -5.39
CA VAL A 361 27.84 -11.43 -5.90
C VAL A 361 27.33 -12.36 -4.80
N LEU A 362 26.02 -12.54 -4.75
CA LEU A 362 25.39 -13.49 -3.85
C LEU A 362 24.10 -13.93 -4.51
N GLY A 363 23.97 -15.23 -4.78
CA GLY A 363 22.80 -15.77 -5.45
C GLY A 363 22.57 -15.13 -6.80
N ALA A 364 21.34 -14.69 -7.06
CA ALA A 364 21.02 -14.04 -8.33
C ALA A 364 21.10 -12.52 -8.18
N ILE A 365 22.14 -12.06 -7.48
CA ILE A 365 22.43 -10.65 -7.28
C ILE A 365 23.90 -10.40 -7.61
N GLY A 366 24.16 -9.47 -8.51
CA GLY A 366 25.51 -9.10 -8.89
C GLY A 366 25.62 -7.59 -8.84
N VAL A 367 26.60 -7.09 -8.09
CA VAL A 367 26.76 -5.65 -7.87
C VAL A 367 28.14 -5.15 -8.26
N VAL A 368 28.15 -4.10 -9.06
CA VAL A 368 29.39 -3.40 -9.40
C VAL A 368 29.26 -1.99 -8.82
N GLU A 369 29.97 -1.73 -7.73
CA GLU A 369 29.97 -0.42 -7.10
C GLU A 369 31.05 0.44 -7.76
N THR A 370 30.70 1.65 -8.14
CA THR A 370 31.62 2.53 -8.83
C THR A 370 32.19 3.62 -7.93
N THR A 371 33.27 4.25 -8.37
CA THR A 371 33.94 5.28 -7.59
C THR A 371 33.23 6.63 -7.66
N HIS A 372 32.49 6.86 -8.74
CA HIS A 372 31.76 8.10 -8.96
C HIS A 372 30.28 7.79 -9.26
N PRO A 373 29.40 8.74 -9.03
CA PRO A 373 27.98 8.52 -9.35
C PRO A 373 27.77 8.38 -10.85
N VAL A 374 26.81 7.55 -11.25
CA VAL A 374 26.52 7.38 -12.67
C VAL A 374 25.80 8.58 -13.24
N ASN A 375 25.99 8.80 -14.54
CA ASN A 375 25.24 9.79 -15.30
C ASN A 375 23.95 9.06 -15.71
N MET A 376 22.87 9.25 -14.97
CA MET A 376 21.65 8.46 -15.19
C MET A 376 21.12 8.46 -16.61
N ALA A 377 20.99 9.64 -17.21
CA ALA A 377 20.46 9.72 -18.58
C ALA A 377 21.36 9.04 -19.61
N ALA A 378 22.65 9.38 -19.60
CA ALA A 378 23.57 8.83 -20.58
C ALA A 378 23.74 7.32 -20.43
N LEU A 379 23.88 6.84 -19.19
CA LEU A 379 24.08 5.41 -18.97
C LEU A 379 22.82 4.59 -19.27
N GLN A 380 21.65 5.12 -18.92
CA GLN A 380 20.41 4.40 -19.24
C GLN A 380 20.27 4.22 -20.75
N LYS A 381 20.61 5.26 -21.51
CA LYS A 381 20.53 5.21 -22.95
C LYS A 381 21.52 4.20 -23.49
N PHE A 382 22.73 4.21 -22.94
CA PHE A 382 23.75 3.25 -23.35
C PHE A 382 23.22 1.83 -23.24
N PHE A 383 22.68 1.49 -22.06
CA PHE A 383 22.16 0.13 -21.84
C PHE A 383 21.07 -0.19 -22.85
N VAL A 384 20.12 0.73 -23.04
CA VAL A 384 19.03 0.51 -24.01
C VAL A 384 19.61 0.25 -25.41
N GLU A 385 20.67 0.97 -25.75
CA GLU A 385 21.31 0.79 -27.05
C GLU A 385 21.98 -0.58 -27.19
N GLN A 386 22.40 -1.16 -26.05
CA GLN A 386 23.02 -2.47 -26.02
C GLN A 386 21.97 -3.59 -25.94
N GLY A 387 20.69 -3.19 -25.97
CA GLY A 387 19.60 -4.15 -25.94
C GLY A 387 19.33 -4.76 -24.57
N VAL A 388 19.65 -4.00 -23.52
CA VAL A 388 19.42 -4.49 -22.16
C VAL A 388 18.73 -3.46 -21.29
N TRP A 389 17.96 -3.92 -20.32
CA TRP A 389 17.36 -3.02 -19.36
C TRP A 389 18.07 -3.20 -18.02
N ILE A 390 18.96 -2.26 -17.72
CA ILE A 390 19.67 -2.22 -16.45
C ILE A 390 19.43 -0.83 -15.90
N ARG A 391 18.98 -0.77 -14.65
CA ARG A 391 18.60 0.49 -14.02
C ARG A 391 19.51 0.79 -12.86
N PRO A 392 20.54 1.59 -13.12
CA PRO A 392 21.51 1.91 -12.08
C PRO A 392 21.00 2.99 -11.15
N PHE A 393 21.69 3.20 -10.03
CA PHE A 393 21.40 4.35 -9.18
C PHE A 393 22.59 4.68 -8.31
N GLY A 394 22.87 5.98 -8.21
CA GLY A 394 24.00 6.47 -7.45
C GLY A 394 25.28 5.85 -7.98
N LYS A 395 26.00 5.15 -7.11
CA LYS A 395 27.25 4.51 -7.51
C LYS A 395 27.07 3.00 -7.60
N LEU A 396 25.87 2.55 -7.93
CA LEU A 396 25.62 1.12 -8.06
C LEU A 396 25.09 0.71 -9.42
N ILE A 397 25.78 -0.24 -10.06
CA ILE A 397 25.29 -0.83 -11.29
C ILE A 397 25.11 -2.29 -10.92
N TYR A 398 23.86 -2.73 -10.81
CA TYR A 398 23.60 -4.06 -10.31
C TYR A 398 22.58 -4.84 -11.14
N LEU A 399 22.64 -6.16 -10.99
CA LEU A 399 21.79 -7.07 -11.74
C LEU A 399 21.07 -8.00 -10.79
N MET A 400 19.81 -8.24 -11.06
CA MET A 400 18.97 -9.17 -10.32
C MET A 400 17.98 -9.72 -11.32
N PRO A 401 18.47 -10.57 -12.21
CA PRO A 401 17.65 -11.06 -13.33
C PRO A 401 16.64 -12.12 -12.92
N PRO A 402 15.63 -12.35 -13.74
CA PRO A 402 14.67 -13.43 -13.51
C PRO A 402 15.39 -14.76 -13.43
N TYR A 403 14.87 -15.68 -12.64
CA TYR A 403 15.54 -16.98 -12.46
C TYR A 403 15.62 -17.77 -13.77
N ILE A 404 14.72 -17.49 -14.70
CA ILE A 404 14.64 -18.21 -15.97
C ILE A 404 15.52 -17.64 -17.07
N ILE A 405 16.34 -16.64 -16.75
CA ILE A 405 17.17 -16.02 -17.76
C ILE A 405 18.13 -17.03 -18.41
N LEU A 406 18.27 -16.93 -19.72
CA LEU A 406 19.19 -17.80 -20.46
C LEU A 406 20.62 -17.29 -20.29
N PRO A 407 21.58 -18.20 -20.27
CA PRO A 407 23.00 -17.83 -20.22
C PRO A 407 23.40 -16.78 -21.27
N GLN A 408 22.91 -16.85 -22.49
CA GLN A 408 23.31 -15.85 -23.49
C GLN A 408 22.71 -14.47 -23.18
N GLN A 409 21.54 -14.45 -22.55
CA GLN A 409 20.92 -13.22 -22.10
C GLN A 409 21.70 -12.61 -20.93
N LEU A 410 22.11 -13.46 -19.97
CA LEU A 410 22.84 -12.99 -18.79
C LEU A 410 24.18 -12.43 -19.25
N GLN A 411 24.71 -13.05 -20.30
CA GLN A 411 25.98 -12.63 -20.83
C GLN A 411 25.90 -11.24 -21.45
N ARG A 412 24.83 -10.98 -22.18
CA ARG A 412 24.64 -9.66 -22.75
C ARG A 412 24.61 -8.64 -21.60
N LEU A 413 24.00 -8.99 -20.48
CA LEU A 413 23.92 -8.08 -19.31
C LEU A 413 25.31 -7.79 -18.71
N THR A 414 26.07 -8.84 -18.40
CA THR A 414 27.37 -8.65 -17.79
C THR A 414 28.36 -7.93 -18.71
N ALA A 415 28.29 -8.23 -20.01
CA ALA A 415 29.15 -7.58 -21.00
C ALA A 415 28.88 -6.07 -21.03
N ALA A 416 27.60 -5.71 -20.98
CA ALA A 416 27.19 -4.32 -20.97
C ALA A 416 27.70 -3.61 -19.72
N VAL A 417 27.60 -4.28 -18.58
CA VAL A 417 28.07 -3.70 -17.33
C VAL A 417 29.58 -3.44 -17.41
N ASN A 418 30.33 -4.44 -17.86
CA ASN A 418 31.79 -4.29 -17.96
C ASN A 418 32.19 -3.16 -18.90
N ARG A 419 31.47 -3.02 -20.01
CA ARG A 419 31.74 -1.96 -20.98
C ARG A 419 31.42 -0.59 -20.39
N ALA A 420 30.36 -0.50 -19.59
CA ALA A 420 29.98 0.78 -19.01
C ALA A 420 31.03 1.36 -18.04
N VAL A 421 31.82 0.50 -17.41
CA VAL A 421 32.74 0.92 -16.36
C VAL A 421 34.19 1.06 -16.82
N GLN A 422 34.46 0.93 -18.11
CA GLN A 422 35.83 1.03 -18.63
C GLN A 422 36.47 2.41 -18.49
N ASP A 423 35.69 3.48 -18.64
CA ASP A 423 36.22 4.84 -18.47
C ASP A 423 35.15 5.81 -17.91
N GLU A 424 35.50 7.08 -17.78
CA GLU A 424 34.61 8.07 -17.15
C GLU A 424 33.41 8.53 -18.00
N THR A 425 33.24 8.00 -19.21
CA THR A 425 32.18 8.48 -20.11
C THR A 425 30.79 8.60 -19.47
N PHE A 426 30.35 7.54 -18.82
CA PHE A 426 29.01 7.52 -18.25
C PHE A 426 28.92 7.90 -16.77
N PHE A 427 29.87 8.70 -16.30
CA PHE A 427 29.91 9.02 -14.87
C PHE A 427 29.84 10.48 -14.47
N CYS A 428 29.31 10.62 -13.26
CA CYS A 428 29.03 11.86 -12.53
C CYS A 428 27.69 12.42 -12.94
N GLN A 429 27.67 12.96 -14.14
CA GLN A 429 26.49 13.55 -14.69
C GLN A 429 27.02 14.47 -15.76
N MET B 1 -14.40 -25.22 -0.94
CA MET B 1 -13.94 -24.88 0.43
C MET B 1 -14.50 -25.86 1.45
N THR B 2 -13.61 -26.61 2.09
CA THR B 2 -14.00 -27.51 3.19
C THR B 2 -14.05 -26.84 4.56
N THR B 3 -14.54 -27.58 5.55
CA THR B 3 -14.58 -27.06 6.91
C THR B 3 -13.15 -26.99 7.46
N ASP B 4 -12.24 -27.83 6.95
CA ASP B 4 -10.85 -27.78 7.38
C ASP B 4 -10.23 -26.47 6.93
N ASP B 5 -10.63 -26.01 5.74
CA ASP B 5 -10.19 -24.72 5.20
C ASP B 5 -10.65 -23.59 6.12
N LEU B 6 -11.91 -23.65 6.54
CA LEU B 6 -12.46 -22.63 7.45
C LEU B 6 -11.76 -22.66 8.80
N ALA B 7 -11.38 -23.85 9.27
CA ALA B 7 -10.67 -23.97 10.53
C ALA B 7 -9.28 -23.32 10.40
N PHE B 8 -8.63 -23.52 9.26
CA PHE B 8 -7.30 -22.97 9.06
C PHE B 8 -7.37 -21.44 9.07
N ASP B 9 -8.35 -20.91 8.35
CA ASP B 9 -8.59 -19.46 8.31
C ASP B 9 -8.76 -18.90 9.70
N GLN B 10 -9.58 -19.55 10.51
CA GLN B 10 -9.81 -19.05 11.85
C GLN B 10 -8.55 -19.05 12.69
N ARG B 11 -7.75 -20.10 12.57
CA ARG B 11 -6.56 -20.25 13.39
C ARG B 11 -5.33 -19.44 12.94
N HIS B 12 -5.20 -19.22 11.64
CA HIS B 12 -3.97 -18.64 11.11
C HIS B 12 -4.06 -17.34 10.33
N ILE B 13 -5.27 -16.94 9.95
CA ILE B 13 -5.43 -15.77 9.07
C ILE B 13 -6.08 -14.58 9.78
N LEU B 14 -5.34 -13.48 9.89
CA LEU B 14 -5.88 -12.27 10.49
C LEU B 14 -6.82 -11.61 9.48
N HIS B 15 -7.87 -10.96 9.98
CA HIS B 15 -8.80 -10.23 9.15
C HIS B 15 -8.84 -8.79 9.70
N PRO B 16 -9.43 -7.86 8.97
CA PRO B 16 -9.46 -6.46 9.42
C PRO B 16 -10.05 -6.25 10.84
N PHE B 17 -9.26 -5.61 11.71
CA PHE B 17 -9.70 -5.20 13.04
C PHE B 17 -10.56 -6.21 13.79
N THR B 18 -10.05 -7.43 13.96
CA THR B 18 -10.81 -8.49 14.60
C THR B 18 -9.87 -9.44 15.35
N SER B 19 -10.37 -10.03 16.44
CA SER B 19 -9.54 -10.86 17.33
C SER B 19 -9.07 -12.19 16.76
N MET B 20 -7.88 -12.62 17.18
CA MET B 20 -7.31 -13.92 16.82
C MET B 20 -7.60 -14.93 17.92
N THR B 21 -8.23 -14.46 19.01
CA THR B 21 -8.54 -15.30 20.17
C THR B 21 -10.04 -15.52 20.34
N SER B 22 -10.83 -14.53 19.94
CA SER B 22 -12.27 -14.61 20.04
C SER B 22 -12.88 -14.22 18.70
N PRO B 23 -12.43 -14.85 17.61
CA PRO B 23 -12.91 -14.44 16.29
C PRO B 23 -14.35 -14.84 16.10
N LEU B 24 -15.08 -14.02 15.35
CA LEU B 24 -16.46 -14.30 15.04
C LEU B 24 -16.47 -14.96 13.67
N PRO B 25 -17.55 -15.61 13.33
CA PRO B 25 -17.66 -16.31 12.05
C PRO B 25 -17.40 -15.43 10.85
N VAL B 26 -16.75 -16.02 9.84
CA VAL B 26 -16.57 -15.37 8.56
C VAL B 26 -17.26 -16.26 7.54
N TYR B 27 -17.86 -15.65 6.53
CA TYR B 27 -18.59 -16.38 5.50
C TYR B 27 -17.73 -16.61 4.27
N PRO B 28 -17.65 -17.87 3.82
CA PRO B 28 -16.86 -18.21 2.63
C PRO B 28 -17.56 -17.83 1.33
N VAL B 29 -16.89 -16.99 0.55
CA VAL B 29 -17.39 -16.57 -0.75
C VAL B 29 -16.60 -17.27 -1.84
N VAL B 30 -17.29 -17.84 -2.83
CA VAL B 30 -16.61 -18.53 -3.93
C VAL B 30 -16.56 -17.72 -5.23
N SER B 31 -17.55 -16.85 -5.44
CA SER B 31 -17.60 -16.04 -6.63
C SER B 31 -18.55 -14.88 -6.41
N ALA B 32 -18.62 -14.00 -7.40
CA ALA B 32 -19.50 -12.84 -7.34
C ALA B 32 -19.83 -12.40 -8.75
N GLU B 33 -21.05 -11.90 -8.94
CA GLU B 33 -21.47 -11.42 -10.26
C GLU B 33 -22.61 -10.42 -10.10
N GLY B 34 -22.63 -9.41 -10.95
CA GLY B 34 -23.62 -8.36 -10.87
C GLY B 34 -23.57 -7.73 -9.50
N CYS B 35 -24.70 -7.73 -8.79
CA CYS B 35 -24.77 -7.17 -7.46
C CYS B 35 -24.84 -8.26 -6.39
N GLU B 36 -24.33 -9.46 -6.70
CA GLU B 36 -24.42 -10.59 -5.78
C GLU B 36 -23.11 -11.25 -5.42
N LEU B 37 -23.04 -11.67 -4.16
CA LEU B 37 -21.95 -12.48 -3.66
C LEU B 37 -22.48 -13.90 -3.57
N ILE B 38 -21.69 -14.88 -3.97
CA ILE B 38 -22.15 -16.27 -3.93
C ILE B 38 -21.35 -17.03 -2.89
N LEU B 39 -22.02 -17.48 -1.86
CA LEU B 39 -21.38 -18.24 -0.80
C LEU B 39 -21.02 -19.64 -1.29
N SER B 40 -19.98 -20.22 -0.72
CA SER B 40 -19.57 -21.55 -1.10
C SER B 40 -20.72 -22.50 -1.09
N ASP B 41 -21.54 -22.42 -0.05
CA ASP B 41 -22.63 -23.34 0.12
C ASP B 41 -23.75 -23.13 -0.93
N GLY B 42 -23.65 -22.08 -1.75
CA GLY B 42 -24.61 -21.85 -2.83
C GLY B 42 -25.51 -20.65 -2.66
N ARG B 43 -25.73 -20.22 -1.42
CA ARG B 43 -26.59 -19.08 -1.16
C ARG B 43 -26.09 -17.82 -1.86
N ARG B 44 -27.00 -17.07 -2.48
CA ARG B 44 -26.68 -15.83 -3.17
C ARG B 44 -27.11 -14.63 -2.31
N LEU B 45 -26.21 -13.67 -2.15
CA LEU B 45 -26.49 -12.49 -1.33
C LEU B 45 -26.41 -11.21 -2.14
N VAL B 46 -27.41 -10.34 -1.96
CA VAL B 46 -27.40 -9.02 -2.57
C VAL B 46 -26.37 -8.19 -1.80
N ASP B 47 -25.41 -7.64 -2.51
CA ASP B 47 -24.37 -6.86 -1.84
C ASP B 47 -24.82 -5.44 -1.54
N GLY B 48 -24.83 -5.09 -0.26
CA GLY B 48 -25.15 -3.74 0.15
C GLY B 48 -23.92 -2.88 0.45
N MET B 49 -22.72 -3.46 0.36
CA MET B 49 -21.51 -2.76 0.78
C MET B 49 -20.52 -2.32 -0.29
N SER B 50 -20.62 -2.85 -1.51
CA SER B 50 -19.66 -2.54 -2.56
C SER B 50 -18.23 -2.92 -2.12
N SER B 51 -18.13 -3.92 -1.25
CA SER B 51 -16.86 -4.34 -0.65
C SER B 51 -16.12 -3.13 -0.07
N TRP B 52 -16.86 -2.32 0.67
CA TRP B 52 -16.38 -1.09 1.27
C TRP B 52 -16.08 -0.05 0.18
N TRP B 53 -17.17 0.51 -0.36
CA TRP B 53 -17.19 1.62 -1.31
C TRP B 53 -16.75 1.27 -2.74
N ALA B 54 -15.72 0.45 -2.84
CA ALA B 54 -14.99 0.26 -4.10
C ALA B 54 -15.73 -0.29 -5.32
N ALA B 55 -16.61 -1.26 -5.12
CA ALA B 55 -17.19 -1.98 -6.26
C ALA B 55 -18.41 -1.25 -6.81
N ILE B 56 -18.18 -0.06 -7.32
CA ILE B 56 -19.25 0.79 -7.83
C ILE B 56 -19.96 0.21 -9.03
N HIS B 57 -19.29 -0.64 -9.78
CA HIS B 57 -19.89 -1.27 -10.95
C HIS B 57 -20.28 -2.71 -10.65
N GLY B 58 -20.24 -3.10 -9.38
CA GLY B 58 -20.56 -4.45 -9.02
C GLY B 58 -19.40 -5.40 -9.26
N TYR B 59 -19.74 -6.67 -9.51
CA TYR B 59 -18.76 -7.74 -9.66
C TYR B 59 -18.85 -8.42 -11.01
N ASN B 60 -17.73 -9.01 -11.43
CA ASN B 60 -17.64 -9.63 -12.75
C ASN B 60 -18.23 -8.74 -13.83
N HIS B 61 -17.80 -7.49 -13.86
CA HIS B 61 -18.29 -6.56 -14.88
C HIS B 61 -17.54 -6.88 -16.18
N PRO B 62 -18.29 -7.05 -17.29
CA PRO B 62 -17.68 -7.40 -18.58
C PRO B 62 -16.57 -6.48 -19.02
N GLN B 63 -16.78 -5.16 -18.94
CA GLN B 63 -15.79 -4.18 -19.38
C GLN B 63 -14.53 -4.24 -18.51
N LEU B 64 -14.68 -4.40 -17.19
CA LEU B 64 -13.53 -4.47 -16.28
C LEU B 64 -12.74 -5.75 -16.56
N ASN B 65 -13.46 -6.87 -16.67
CA ASN B 65 -12.85 -8.15 -16.98
C ASN B 65 -12.05 -8.14 -18.27
N ALA B 66 -12.67 -7.62 -19.32
CA ALA B 66 -12.04 -7.57 -20.65
C ALA B 66 -10.76 -6.74 -20.61
N ALA B 67 -10.84 -5.57 -19.98
CA ALA B 67 -9.67 -4.69 -19.89
C ALA B 67 -8.53 -5.34 -19.12
N MET B 68 -8.86 -6.04 -18.03
CA MET B 68 -7.84 -6.72 -17.22
C MET B 68 -7.16 -7.87 -17.96
N LYS B 69 -7.95 -8.72 -18.62
CA LYS B 69 -7.41 -9.84 -19.40
C LYS B 69 -6.54 -9.36 -20.55
N SER B 70 -6.98 -8.31 -21.25
CA SER B 70 -6.19 -7.75 -22.33
C SER B 70 -4.84 -7.23 -21.81
N GLN B 71 -4.85 -6.54 -20.66
CA GLN B 71 -3.59 -6.02 -20.11
C GLN B 71 -2.65 -7.15 -19.71
N ILE B 72 -3.20 -8.22 -19.14
CA ILE B 72 -2.38 -9.38 -18.76
C ILE B 72 -1.62 -9.92 -19.99
N ASP B 73 -2.29 -9.94 -21.13
CA ASP B 73 -1.72 -10.40 -22.40
C ASP B 73 -0.54 -9.53 -22.85
N ALA B 74 -0.58 -8.24 -22.53
CA ALA B 74 0.50 -7.32 -22.85
C ALA B 74 1.60 -7.43 -21.79
N MET B 75 1.26 -7.04 -20.56
CA MET B 75 2.13 -7.16 -19.42
C MET B 75 1.34 -6.81 -18.15
N SER B 76 1.34 -7.70 -17.18
CA SER B 76 0.66 -7.46 -15.90
C SER B 76 1.38 -6.35 -15.16
N HIS B 77 2.71 -6.41 -15.20
CA HIS B 77 3.52 -5.42 -14.53
C HIS B 77 4.91 -5.22 -15.15
N VAL B 78 5.39 -3.99 -15.05
CA VAL B 78 6.77 -3.64 -15.37
C VAL B 78 7.09 -2.44 -14.45
N MET B 79 8.35 -2.29 -14.06
CA MET B 79 8.73 -1.17 -13.18
C MET B 79 8.48 0.19 -13.85
N PHE B 80 8.29 1.21 -13.03
CA PHE B 80 7.98 2.56 -13.51
C PHE B 80 9.23 3.45 -13.42
N GLY B 81 10.35 2.90 -12.97
CA GLY B 81 11.60 3.65 -12.88
C GLY B 81 12.28 3.73 -14.23
N GLY B 82 12.22 4.88 -14.89
CA GLY B 82 12.83 5.06 -16.20
C GLY B 82 11.96 4.56 -17.35
N ILE B 83 10.75 4.12 -17.01
CA ILE B 83 9.84 3.52 -17.96
C ILE B 83 8.44 4.11 -17.81
N THR B 84 7.72 4.24 -18.91
CA THR B 84 6.32 4.59 -18.85
C THR B 84 5.55 3.62 -19.77
N HIS B 85 4.23 3.66 -19.68
CA HIS B 85 3.40 2.75 -20.47
C HIS B 85 2.00 3.34 -20.66
N ALA B 86 1.25 2.74 -21.58
CA ALA B 86 -0.06 3.26 -21.99
C ALA B 86 -1.12 3.30 -20.88
N PRO B 87 -1.27 2.22 -20.13
CA PRO B 87 -2.24 2.24 -19.02
C PRO B 87 -2.02 3.40 -18.06
N ALA B 88 -0.77 3.64 -17.67
CA ALA B 88 -0.49 4.75 -16.75
C ALA B 88 -0.82 6.09 -17.42
N ILE B 89 -0.39 6.28 -18.66
CA ILE B 89 -0.67 7.55 -19.33
C ILE B 89 -2.18 7.78 -19.50
N GLU B 90 -2.90 6.78 -20.00
CA GLU B 90 -4.34 6.91 -20.19
C GLU B 90 -5.05 7.24 -18.86
N LEU B 91 -4.65 6.56 -17.80
CA LEU B 91 -5.28 6.77 -16.50
C LEU B 91 -5.02 8.19 -15.99
N CYS B 92 -3.76 8.62 -16.05
CA CYS B 92 -3.40 9.96 -15.59
C CYS B 92 -4.06 11.05 -16.43
N ARG B 93 -4.23 10.80 -17.72
CA ARG B 93 -4.94 11.76 -18.57
C ARG B 93 -6.36 11.97 -18.04
N LYS B 94 -7.03 10.86 -17.75
CA LYS B 94 -8.41 10.89 -17.25
C LYS B 94 -8.52 11.57 -15.91
N LEU B 95 -7.61 11.26 -14.99
CA LEU B 95 -7.63 11.87 -13.66
C LEU B 95 -7.37 13.37 -13.72
N VAL B 96 -6.43 13.79 -14.55
CA VAL B 96 -6.13 15.20 -14.66
C VAL B 96 -7.35 15.94 -15.24
N ALA B 97 -7.96 15.37 -16.26
CA ALA B 97 -9.08 16.03 -16.94
C ALA B 97 -10.36 16.11 -16.09
N MET B 98 -10.62 15.10 -15.29
CA MET B 98 -11.88 15.03 -14.52
C MET B 98 -11.83 15.78 -13.19
N THR B 99 -10.64 16.12 -12.72
CA THR B 99 -10.49 16.86 -11.49
C THR B 99 -10.32 18.34 -11.80
N PRO B 100 -10.57 19.19 -10.81
CA PRO B 100 -10.36 20.63 -10.97
C PRO B 100 -9.08 20.99 -11.72
N GLN B 101 -9.16 22.08 -12.44
CA GLN B 101 -8.08 22.54 -13.29
C GLN B 101 -6.67 22.55 -12.69
N PRO B 102 -6.51 23.07 -11.48
CA PRO B 102 -5.18 23.15 -10.87
C PRO B 102 -4.53 21.79 -10.60
N LEU B 103 -5.33 20.74 -10.48
CA LEU B 103 -4.83 19.40 -10.17
C LEU B 103 -4.36 18.74 -11.45
N GLU B 104 -3.07 18.86 -11.75
CA GLU B 104 -2.56 18.38 -13.02
C GLU B 104 -1.30 17.51 -12.95
N CYS B 105 -0.80 17.21 -11.74
CA CYS B 105 0.36 16.32 -11.58
C CYS B 105 -0.06 15.11 -10.74
N VAL B 106 0.25 13.92 -11.22
CA VAL B 106 -0.25 12.71 -10.58
C VAL B 106 0.83 11.80 -10.04
N PHE B 107 0.70 11.39 -8.77
CA PHE B 107 1.57 10.39 -8.16
C PHE B 107 0.74 9.14 -7.91
N LEU B 108 0.99 8.08 -8.67
CA LEU B 108 0.25 6.84 -8.49
C LEU B 108 0.88 6.02 -7.37
N ALA B 109 0.05 5.32 -6.58
CA ALA B 109 0.57 4.48 -5.51
C ALA B 109 -0.29 3.22 -5.35
N ASP B 110 -0.06 2.47 -4.27
CA ASP B 110 -0.67 1.13 -4.11
C ASP B 110 -1.97 1.09 -3.29
N SER B 111 -2.08 1.91 -2.26
CA SER B 111 -3.24 1.89 -1.36
C SER B 111 -3.62 3.29 -0.88
N GLY B 112 -4.82 3.43 -0.32
CA GLY B 112 -5.31 4.71 0.18
C GLY B 112 -4.43 5.32 1.26
N SER B 113 -4.05 4.51 2.23
CA SER B 113 -3.17 4.99 3.27
C SER B 113 -1.83 5.51 2.71
N VAL B 114 -1.25 4.82 1.75
CA VAL B 114 -0.01 5.27 1.13
C VAL B 114 -0.24 6.61 0.39
N ALA B 115 -1.41 6.75 -0.23
CA ALA B 115 -1.75 7.98 -0.95
C ALA B 115 -1.79 9.15 0.04
N VAL B 116 -2.32 8.90 1.23
CA VAL B 116 -2.39 9.91 2.26
C VAL B 116 -0.98 10.25 2.75
N GLU B 117 -0.14 9.23 2.96
CA GLU B 117 1.26 9.44 3.36
C GLU B 117 2.00 10.30 2.31
N VAL B 118 1.71 10.03 1.04
CA VAL B 118 2.29 10.78 -0.07
C VAL B 118 1.86 12.25 0.04
N ALA B 119 0.57 12.46 0.24
CA ALA B 119 0.02 13.81 0.37
C ALA B 119 0.69 14.55 1.53
N MET B 120 0.82 13.88 2.67
CA MET B 120 1.44 14.49 3.83
C MET B 120 2.90 14.84 3.58
N LYS B 121 3.64 13.90 2.99
CA LYS B 121 5.04 14.13 2.59
C LYS B 121 5.16 15.27 1.58
N MET B 122 4.22 15.36 0.64
CA MET B 122 4.22 16.44 -0.33
C MET B 122 4.13 17.77 0.42
N ALA B 123 3.24 17.86 1.41
CA ALA B 123 3.07 19.08 2.19
C ALA B 123 4.33 19.43 2.96
N LEU B 124 4.91 18.44 3.62
CA LEU B 124 6.14 18.64 4.40
C LEU B 124 7.32 19.05 3.51
N GLN B 125 7.52 18.34 2.40
CA GLN B 125 8.62 18.67 1.50
C GLN B 125 8.44 20.04 0.85
N TYR B 126 7.19 20.40 0.60
CA TYR B 126 6.84 21.69 0.00
C TYR B 126 7.36 22.83 0.87
N TRP B 127 7.03 22.79 2.16
CA TRP B 127 7.43 23.83 3.09
C TRP B 127 8.92 23.80 3.39
N GLN B 128 9.49 22.61 3.44
CA GLN B 128 10.92 22.49 3.66
C GLN B 128 11.65 23.21 2.51
N ALA B 129 11.19 23.00 1.29
CA ALA B 129 11.78 23.65 0.12
C ALA B 129 11.65 25.17 0.18
N LYS B 130 10.56 25.65 0.79
CA LYS B 130 10.32 27.10 0.87
C LYS B 130 11.00 27.74 2.08
N GLY B 131 11.68 26.93 2.88
CA GLY B 131 12.40 27.42 4.05
C GLY B 131 11.51 27.78 5.22
N GLU B 132 10.30 27.21 5.28
CA GLU B 132 9.38 27.52 6.36
C GLU B 132 9.22 26.33 7.31
N ALA B 133 9.26 26.62 8.61
CA ALA B 133 9.11 25.59 9.64
C ALA B 133 7.64 25.22 9.86
N ARG B 134 7.08 24.44 8.95
CA ARG B 134 5.70 23.98 9.05
C ARG B 134 5.63 22.44 9.04
N GLN B 135 5.32 21.83 10.18
CA GLN B 135 5.27 20.37 10.28
C GLN B 135 3.95 19.83 10.84
N ARG B 136 3.05 20.71 11.23
CA ARG B 136 1.82 20.25 11.85
C ARG B 136 0.68 20.16 10.84
N PHE B 137 -0.27 19.29 11.13
CA PHE B 137 -1.45 19.14 10.32
C PHE B 137 -2.69 19.50 11.14
N LEU B 138 -3.61 20.23 10.52
CA LEU B 138 -4.87 20.56 11.17
C LEU B 138 -5.94 19.70 10.53
N THR B 139 -6.63 18.94 11.36
CA THR B 139 -7.65 18.06 10.86
C THR B 139 -8.86 18.15 11.76
N PHE B 140 -9.83 17.31 11.51
CA PHE B 140 -11.03 17.41 12.27
C PHE B 140 -11.24 16.13 13.05
N ARG B 141 -11.97 16.20 14.17
CA ARG B 141 -12.27 14.98 14.90
C ARG B 141 -13.23 14.14 14.07
N ASN B 142 -13.24 12.83 14.33
CA ASN B 142 -14.08 11.87 13.62
C ASN B 142 -13.57 11.59 12.21
N GLY B 143 -12.37 12.05 11.93
CA GLY B 143 -11.74 11.83 10.64
C GLY B 143 -11.04 10.49 10.62
N TYR B 144 -10.91 9.95 9.41
CA TYR B 144 -10.18 8.70 9.20
C TYR B 144 -9.43 8.78 7.89
N HIS B 145 -8.13 8.46 7.92
CA HIS B 145 -7.29 8.63 6.74
C HIS B 145 -6.38 7.46 6.42
N GLY B 146 -6.55 6.34 7.12
CA GLY B 146 -5.70 5.17 6.89
C GLY B 146 -5.02 4.66 8.13
N ASP B 147 -4.35 3.49 7.99
CA ASP B 147 -3.77 2.75 9.13
C ASP B 147 -2.21 2.83 9.28
N THR B 148 -1.51 3.43 8.32
CA THR B 148 -0.06 3.61 8.46
C THR B 148 0.21 4.77 9.42
N PHE B 149 1.44 4.88 9.91
CA PHE B 149 1.77 5.85 10.96
C PHE B 149 1.40 7.31 10.66
N GLY B 150 1.76 7.81 9.48
CA GLY B 150 1.41 9.17 9.10
C GLY B 150 -0.10 9.39 9.07
N ALA B 151 -0.81 8.46 8.42
CA ALA B 151 -2.26 8.50 8.30
C ALA B 151 -2.90 8.45 9.68
N MET B 152 -2.42 7.52 10.51
CA MET B 152 -2.94 7.40 11.87
C MET B 152 -2.83 8.72 12.63
N SER B 153 -1.76 9.46 12.38
CA SER B 153 -1.51 10.71 13.11
C SER B 153 -2.56 11.79 12.84
N VAL B 154 -3.38 11.59 11.82
CA VAL B 154 -4.46 12.55 11.53
C VAL B 154 -5.84 11.92 11.64
N CYS B 155 -5.92 10.71 12.19
CA CYS B 155 -7.19 10.05 12.46
C CYS B 155 -7.68 10.50 13.83
N ASP B 156 -8.98 10.45 14.05
CA ASP B 156 -9.54 10.82 15.36
C ASP B 156 -8.84 10.05 16.48
N PRO B 157 -8.32 10.75 17.48
CA PRO B 157 -7.61 10.09 18.58
C PRO B 157 -8.45 9.12 19.43
N ASP B 158 -9.74 9.39 19.61
CA ASP B 158 -10.63 8.51 20.38
C ASP B 158 -10.97 7.23 19.60
N ASN B 159 -11.45 7.40 18.38
CA ASN B 159 -11.86 6.28 17.55
C ASN B 159 -10.72 5.32 17.18
N SER B 160 -9.55 5.88 16.91
CA SER B 160 -8.39 5.11 16.49
C SER B 160 -7.52 4.68 17.67
N MET B 161 -7.95 5.00 18.88
CA MET B 161 -7.26 4.53 20.06
C MET B 161 -5.80 5.01 20.05
N HIS B 162 -5.59 6.33 19.96
CA HIS B 162 -4.23 6.89 19.94
C HIS B 162 -3.40 6.60 21.21
N SER B 163 -4.05 6.16 22.30
CA SER B 163 -3.35 5.85 23.55
C SER B 163 -2.34 4.70 23.41
N LEU B 164 -2.54 3.86 22.40
CA LEU B 164 -1.66 2.73 22.15
C LEU B 164 -0.30 3.17 21.67
N TRP B 165 -0.26 4.34 21.03
CA TRP B 165 0.96 4.86 20.44
C TRP B 165 1.42 6.19 21.05
N LYS B 166 0.72 6.70 22.05
CA LYS B 166 1.18 7.92 22.72
C LYS B 166 2.67 7.86 22.93
N GLY B 167 3.35 8.81 22.29
CA GLY B 167 4.78 8.96 22.41
C GLY B 167 5.48 8.59 21.12
N TYR B 168 4.79 7.89 20.23
CA TYR B 168 5.39 7.46 18.97
C TYR B 168 4.85 8.31 17.84
N LEU B 169 3.54 8.53 17.87
CA LEU B 169 2.89 9.34 16.84
C LEU B 169 3.14 10.82 17.13
N PRO B 170 3.35 11.58 16.07
CA PRO B 170 3.47 13.04 16.19
C PRO B 170 2.11 13.59 16.63
N GLU B 171 2.07 14.68 17.38
CA GLU B 171 0.81 15.23 17.86
C GLU B 171 0.27 16.38 16.98
N ASN B 172 -0.81 16.11 16.27
CA ASN B 172 -1.41 17.10 15.37
C ASN B 172 -2.57 17.86 16.02
N LEU B 173 -3.20 18.75 15.27
CA LEU B 173 -4.29 19.60 15.79
C LEU B 173 -5.64 19.09 15.33
N PHE B 174 -6.57 18.96 16.27
CA PHE B 174 -7.87 18.39 15.98
C PHE B 174 -9.01 19.36 16.29
N ALA B 175 -9.61 19.90 15.24
CA ALA B 175 -10.77 20.78 15.39
C ALA B 175 -11.99 19.90 15.63
N PRO B 176 -13.04 20.45 16.23
CA PRO B 176 -14.25 19.64 16.47
C PRO B 176 -14.86 19.12 15.17
N ALA B 177 -15.53 18.00 15.26
CA ALA B 177 -16.20 17.42 14.12
C ALA B 177 -17.26 18.42 13.67
N PRO B 178 -17.43 18.59 12.36
CA PRO B 178 -18.47 19.49 11.84
C PRO B 178 -19.89 19.09 12.28
N GLN B 179 -20.63 20.04 12.81
CA GLN B 179 -21.99 19.81 13.36
C GLN B 179 -23.11 20.04 12.35
N SER B 180 -23.01 21.09 11.55
CA SER B 180 -24.04 21.39 10.55
C SER B 180 -24.21 20.21 9.58
N ARG B 181 -25.46 19.81 9.35
CA ARG B 181 -25.78 18.67 8.50
C ARG B 181 -25.89 18.99 7.01
N MET B 182 -25.62 17.98 6.18
CA MET B 182 -25.77 18.11 4.74
C MET B 182 -27.25 18.30 4.36
N ASP B 183 -28.15 17.56 5.02
CA ASP B 183 -29.62 17.72 4.80
C ASP B 183 -30.07 19.08 5.28
N GLY B 184 -29.37 19.63 6.26
CA GLY B 184 -29.86 20.79 6.98
C GLY B 184 -29.30 22.19 6.82
N GLU B 185 -29.35 22.94 7.93
CA GLU B 185 -29.05 24.38 8.00
C GLU B 185 -27.66 24.71 8.52
N TRP B 186 -27.10 25.83 8.04
CA TRP B 186 -25.77 26.27 8.46
C TRP B 186 -25.80 27.06 9.75
N ASP B 187 -24.91 26.68 10.65
CA ASP B 187 -24.81 27.36 11.92
C ASP B 187 -23.37 27.86 12.05
N GLU B 188 -23.17 29.19 12.06
CA GLU B 188 -21.83 29.77 12.15
C GLU B 188 -21.11 29.45 13.47
N ARG B 189 -21.83 28.93 14.47
CA ARG B 189 -21.22 28.51 15.75
C ARG B 189 -20.28 27.33 15.49
N ASP B 190 -20.51 26.63 14.39
CA ASP B 190 -19.72 25.47 14.02
C ASP B 190 -18.24 25.82 13.81
N MET B 191 -17.96 27.05 13.38
CA MET B 191 -16.59 27.47 13.04
C MET B 191 -15.65 27.83 14.19
N VAL B 192 -16.18 28.18 15.35
CA VAL B 192 -15.34 28.74 16.42
C VAL B 192 -14.15 27.84 16.77
N GLY B 193 -14.38 26.55 16.96
CA GLY B 193 -13.30 25.65 17.31
C GLY B 193 -12.18 25.70 16.29
N PHE B 194 -12.54 25.54 15.02
CA PHE B 194 -11.57 25.56 13.95
C PHE B 194 -10.84 26.89 13.89
N ALA B 195 -11.60 27.98 13.97
CA ALA B 195 -11.02 29.32 13.94
C ALA B 195 -10.01 29.50 15.09
N ARG B 196 -10.36 29.02 16.28
CA ARG B 196 -9.48 29.16 17.44
C ARG B 196 -8.16 28.45 17.19
N LEU B 197 -8.21 27.24 16.66
CA LEU B 197 -7.00 26.48 16.36
C LEU B 197 -6.13 27.16 15.31
N MET B 198 -6.74 27.61 14.23
CA MET B 198 -6.01 28.26 13.15
C MET B 198 -5.31 29.52 13.64
N ALA B 199 -6.05 30.38 14.34
CA ALA B 199 -5.48 31.62 14.85
C ALA B 199 -4.26 31.34 15.73
N ALA B 200 -4.36 30.34 16.59
CA ALA B 200 -3.28 29.98 17.51
C ALA B 200 -2.10 29.23 16.87
N HIS B 201 -2.35 28.51 15.78
CA HIS B 201 -1.30 27.65 15.21
C HIS B 201 -0.96 27.89 13.75
N ARG B 202 -1.42 29.01 13.20
CA ARG B 202 -1.27 29.29 11.78
C ARG B 202 0.12 29.11 11.18
N HIS B 203 1.11 29.62 11.87
CA HIS B 203 2.48 29.63 11.40
C HIS B 203 3.20 28.28 11.39
N GLU B 204 2.65 27.28 12.05
CA GLU B 204 3.27 25.96 12.07
C GLU B 204 2.48 24.91 11.26
N ILE B 205 1.34 25.30 10.69
CA ILE B 205 0.49 24.34 9.97
C ILE B 205 0.95 24.14 8.52
N ALA B 206 1.30 22.90 8.19
CA ALA B 206 1.71 22.56 6.83
C ALA B 206 0.49 22.40 5.93
N ALA B 207 -0.55 21.77 6.46
CA ALA B 207 -1.76 21.56 5.69
C ALA B 207 -2.96 21.26 6.57
N VAL B 208 -4.13 21.54 6.02
CA VAL B 208 -5.39 21.07 6.58
C VAL B 208 -5.75 19.81 5.78
N ILE B 209 -6.14 18.75 6.48
CA ILE B 209 -6.58 17.53 5.81
C ILE B 209 -7.98 17.14 6.30
N ILE B 210 -8.89 16.92 5.37
CA ILE B 210 -10.24 16.51 5.72
C ILE B 210 -10.85 15.59 4.67
N GLU B 211 -11.85 14.84 5.08
CA GLU B 211 -12.68 14.08 4.16
C GLU B 211 -13.81 15.05 3.80
N PRO B 212 -14.01 15.35 2.52
CA PRO B 212 -15.06 16.30 2.12
C PRO B 212 -16.48 15.71 2.23
N ILE B 213 -17.36 16.46 2.91
CA ILE B 213 -18.77 16.13 3.08
C ILE B 213 -19.09 14.87 3.90
N VAL B 214 -18.45 13.76 3.60
CA VAL B 214 -18.72 12.53 4.33
C VAL B 214 -17.49 12.06 5.09
N GLN B 215 -17.64 11.91 6.40
CA GLN B 215 -16.61 11.32 7.24
C GLN B 215 -17.01 9.86 7.35
N GLY B 216 -16.25 9.01 6.69
CA GLY B 216 -16.58 7.61 6.58
C GLY B 216 -16.40 6.73 7.80
N ALA B 217 -15.22 6.12 7.90
CA ALA B 217 -14.94 5.19 8.96
C ALA B 217 -15.07 5.78 10.36
N GLY B 218 -15.00 7.10 10.46
CA GLY B 218 -15.14 7.79 11.74
C GLY B 218 -16.55 8.05 12.24
N GLY B 219 -17.58 7.66 11.48
CA GLY B 219 -18.95 7.83 11.95
C GLY B 219 -20.03 7.96 10.90
N MET B 220 -19.66 7.80 9.62
CA MET B 220 -20.58 7.97 8.51
C MET B 220 -21.39 9.26 8.67
N ARG B 221 -20.67 10.34 8.95
CA ARG B 221 -21.25 11.67 9.17
C ARG B 221 -21.37 12.39 7.83
N MET B 222 -22.38 13.25 7.71
CA MET B 222 -22.62 13.99 6.49
C MET B 222 -22.80 15.45 6.84
N TYR B 223 -21.81 16.27 6.51
CA TYR B 223 -21.84 17.67 6.97
C TYR B 223 -22.05 18.67 5.84
N HIS B 224 -22.37 19.90 6.22
CA HIS B 224 -22.72 20.97 5.29
C HIS B 224 -21.53 21.43 4.45
N PRO B 225 -21.74 21.61 3.15
CA PRO B 225 -20.69 22.04 2.21
C PRO B 225 -20.08 23.39 2.54
N GLU B 226 -20.80 24.28 3.21
CA GLU B 226 -20.25 25.59 3.59
C GLU B 226 -18.92 25.42 4.32
N TRP B 227 -18.78 24.35 5.10
CA TRP B 227 -17.51 24.06 5.74
C TRP B 227 -16.32 24.08 4.78
N LEU B 228 -16.46 23.42 3.63
CA LEU B 228 -15.36 23.33 2.67
C LEU B 228 -15.03 24.68 2.06
N LYS B 229 -16.07 25.44 1.74
CA LYS B 229 -15.91 26.79 1.22
C LYS B 229 -15.09 27.61 2.20
N ARG B 230 -15.49 27.56 3.47
CA ARG B 230 -14.82 28.32 4.52
C ARG B 230 -13.38 27.89 4.67
N ILE B 231 -13.15 26.58 4.74
CA ILE B 231 -11.80 26.05 4.89
C ILE B 231 -10.89 26.44 3.73
N ARG B 232 -11.41 26.32 2.51
CA ARG B 232 -10.64 26.66 1.31
C ARG B 232 -10.20 28.12 1.39
N LYS B 233 -11.12 29.00 1.77
CA LYS B 233 -10.82 30.42 1.85
C LYS B 233 -9.78 30.72 2.93
N ILE B 234 -9.94 30.10 4.10
CA ILE B 234 -8.99 30.28 5.19
C ILE B 234 -7.60 29.80 4.75
N CYS B 235 -7.55 28.64 4.11
CA CYS B 235 -6.27 28.13 3.60
C CYS B 235 -5.68 29.12 2.58
N ASP B 236 -6.50 29.59 1.62
CA ASP B 236 -6.05 30.59 0.62
C ASP B 236 -5.43 31.82 1.29
N ARG B 237 -6.12 32.33 2.30
CA ARG B 237 -5.69 33.52 3.04
C ARG B 237 -4.42 33.31 3.84
N GLU B 238 -4.27 32.15 4.46
CA GLU B 238 -3.12 31.87 5.32
C GLU B 238 -1.93 31.28 4.55
N GLY B 239 -2.14 30.91 3.30
CA GLY B 239 -1.08 30.32 2.50
C GLY B 239 -0.87 28.85 2.83
N ILE B 240 -1.85 28.23 3.49
CA ILE B 240 -1.75 26.82 3.90
C ILE B 240 -2.33 25.88 2.84
N LEU B 241 -1.76 24.70 2.71
CA LEU B 241 -2.23 23.73 1.72
C LEU B 241 -3.47 23.00 2.19
N LEU B 242 -4.39 22.70 1.28
CA LEU B 242 -5.58 21.92 1.64
C LEU B 242 -5.51 20.54 1.00
N ILE B 243 -5.56 19.50 1.83
CA ILE B 243 -5.61 18.12 1.34
C ILE B 243 -7.03 17.58 1.48
N ALA B 244 -7.62 17.19 0.37
CA ALA B 244 -8.94 16.55 0.40
C ALA B 244 -8.75 15.06 0.23
N ASP B 245 -9.17 14.31 1.23
CA ASP B 245 -9.08 12.85 1.17
C ASP B 245 -10.39 12.29 0.63
N GLU B 246 -10.43 12.04 -0.68
CA GLU B 246 -11.61 11.50 -1.36
C GLU B 246 -11.48 10.01 -1.67
N ILE B 247 -10.70 9.29 -0.87
CA ILE B 247 -10.51 7.86 -1.09
C ILE B 247 -11.86 7.13 -0.99
N ALA B 248 -12.78 7.60 -0.15
CA ALA B 248 -14.12 7.00 -0.03
C ALA B 248 -15.19 7.74 -0.85
N THR B 249 -15.10 9.06 -0.91
CA THR B 249 -16.15 9.86 -1.57
C THR B 249 -16.01 10.02 -3.09
N GLY B 250 -14.83 9.71 -3.62
CA GLY B 250 -14.56 9.91 -5.03
C GLY B 250 -15.38 9.06 -6.00
N PHE B 251 -15.48 9.55 -7.23
CA PHE B 251 -16.11 8.81 -8.31
C PHE B 251 -17.62 8.59 -8.16
N GLY B 252 -18.32 9.66 -7.75
CA GLY B 252 -19.76 9.71 -7.78
C GLY B 252 -20.58 9.28 -6.59
N ARG B 253 -19.96 8.70 -5.57
CA ARG B 253 -20.71 8.11 -4.46
C ARG B 253 -21.69 9.05 -3.73
N THR B 254 -21.34 10.33 -3.59
CA THR B 254 -22.20 11.28 -2.88
C THR B 254 -23.17 12.03 -3.81
N GLY B 255 -23.19 11.71 -5.09
CA GLY B 255 -24.09 12.38 -6.01
C GLY B 255 -23.38 13.31 -6.97
N LYS B 256 -22.15 13.68 -6.62
CA LYS B 256 -21.29 14.47 -7.50
C LYS B 256 -20.05 13.65 -7.78
N LEU B 257 -19.34 13.96 -8.87
CA LEU B 257 -18.18 13.15 -9.26
C LEU B 257 -17.15 13.10 -8.14
N PHE B 258 -16.84 14.26 -7.58
CA PHE B 258 -16.00 14.35 -6.40
C PHE B 258 -16.76 15.19 -5.39
N ALA B 259 -16.67 14.80 -4.11
CA ALA B 259 -17.44 15.48 -3.07
C ALA B 259 -17.07 16.95 -2.94
N CYS B 260 -15.85 17.32 -3.32
CA CYS B 260 -15.44 18.73 -3.29
C CYS B 260 -16.37 19.58 -4.14
N GLU B 261 -16.96 18.98 -5.16
CA GLU B 261 -17.85 19.71 -6.07
C GLU B 261 -19.08 20.27 -5.35
N HIS B 262 -19.46 19.66 -4.23
CA HIS B 262 -20.60 20.13 -3.47
C HIS B 262 -20.39 21.56 -2.96
N ALA B 263 -19.13 21.93 -2.78
CA ALA B 263 -18.76 23.25 -2.28
C ALA B 263 -18.13 24.05 -3.39
N GLU B 264 -18.01 23.44 -4.55
CA GLU B 264 -17.41 24.09 -5.69
C GLU B 264 -16.04 24.65 -5.30
N ILE B 265 -15.23 23.80 -4.67
CA ILE B 265 -13.85 24.14 -4.31
C ILE B 265 -12.92 23.06 -4.81
N ALA B 266 -11.64 23.41 -4.90
CA ALA B 266 -10.59 22.47 -5.28
C ALA B 266 -9.50 22.50 -4.21
N PRO B 267 -9.01 21.33 -3.83
CA PRO B 267 -7.90 21.27 -2.89
C PRO B 267 -6.56 21.47 -3.59
N ASP B 268 -5.48 21.65 -2.83
CA ASP B 268 -4.13 21.70 -3.38
C ASP B 268 -3.62 20.28 -3.65
N ILE B 269 -4.09 19.35 -2.83
CA ILE B 269 -3.70 17.94 -2.94
C ILE B 269 -4.96 17.09 -2.80
N LEU B 270 -5.13 16.14 -3.70
CA LEU B 270 -6.31 15.27 -3.72
C LEU B 270 -5.91 13.81 -3.68
N CYS B 271 -6.46 13.07 -2.71
CA CYS B 271 -6.19 11.64 -2.57
C CYS B 271 -7.37 10.82 -3.07
N LEU B 272 -7.06 9.80 -3.87
CA LEU B 272 -8.06 8.89 -4.45
C LEU B 272 -7.66 7.42 -4.26
N GLY B 273 -8.67 6.55 -4.18
CA GLY B 273 -8.44 5.12 -4.02
C GLY B 273 -9.75 4.37 -4.18
N1 LLP B 274 -8.90 7.49 3.66
C2 LLP B 274 -10.25 7.30 3.56
C2' LLP B 274 -11.15 8.51 3.62
C3 LLP B 274 -10.77 6.02 3.35
O3 LLP B 274 -11.98 5.85 3.27
C4 LLP B 274 -9.87 4.93 3.30
C4' LLP B 274 -10.41 3.53 3.08
C5 LLP B 274 -8.51 5.15 3.45
C6 LLP B 274 -8.03 6.43 3.63
C5' LLP B 274 -7.50 4.04 3.43
OP4 LLP B 274 -7.35 3.19 2.29
P LLP B 274 -6.64 1.76 2.45
OP1 LLP B 274 -7.50 0.97 3.37
OP2 LLP B 274 -5.27 2.00 2.98
OP3 LLP B 274 -6.62 1.32 1.05
N LLP B 274 -9.93 3.33 -3.37
CA LLP B 274 -11.13 2.49 -3.35
CB LLP B 274 -12.12 2.96 -2.28
CG LLP B 274 -11.54 2.82 -0.83
CD LLP B 274 -12.61 2.68 0.26
CE LLP B 274 -12.07 2.50 1.71
NZ LLP B 274 -11.50 3.72 2.35
C LLP B 274 -11.77 2.31 -4.75
O LLP B 274 -11.36 1.43 -5.50
N ALA B 275 -12.76 3.14 -5.10
CA ALA B 275 -13.48 2.98 -6.36
C ALA B 275 -12.68 3.31 -7.63
N LEU B 276 -11.45 3.79 -7.45
CA LEU B 276 -10.56 4.10 -8.58
C LEU B 276 -10.47 2.95 -9.60
N THR B 277 -10.29 1.72 -9.13
CA THR B 277 -10.22 0.54 -10.00
C THR B 277 -11.55 -0.21 -10.17
N GLY B 278 -12.65 0.39 -9.74
CA GLY B 278 -13.93 -0.29 -9.75
C GLY B 278 -13.92 -1.44 -8.74
N GLY B 279 -13.07 -1.32 -7.73
CA GLY B 279 -12.97 -2.34 -6.69
C GLY B 279 -12.55 -3.71 -7.20
N THR B 280 -11.61 -3.74 -8.14
CA THR B 280 -11.10 -5.00 -8.67
C THR B 280 -9.79 -5.40 -8.00
N MET B 281 -9.03 -4.40 -7.61
CA MET B 281 -7.70 -4.59 -7.04
C MET B 281 -7.22 -3.26 -6.49
N THR B 282 -6.16 -3.27 -5.70
CA THR B 282 -5.71 -2.05 -5.06
C THR B 282 -4.93 -1.12 -5.99
N LEU B 283 -5.21 0.18 -5.85
CA LEU B 283 -4.50 1.23 -6.55
C LEU B 283 -4.93 2.53 -5.90
N SER B 284 -4.06 3.54 -5.92
CA SER B 284 -4.41 4.84 -5.38
C SER B 284 -3.73 5.91 -6.22
N ALA B 285 -4.13 7.15 -6.00
CA ALA B 285 -3.51 8.26 -6.70
C ALA B 285 -3.58 9.50 -5.84
N THR B 286 -2.51 10.28 -5.89
CA THR B 286 -2.48 11.56 -5.22
C THR B 286 -2.15 12.61 -6.27
N LEU B 287 -3.08 13.54 -6.46
CA LEU B 287 -2.88 14.62 -7.43
C LEU B 287 -2.54 15.91 -6.71
N THR B 288 -1.69 16.71 -7.34
CA THR B 288 -1.41 18.02 -6.80
C THR B 288 -1.21 19.05 -7.90
N THR B 289 -0.85 20.25 -7.50
CA THR B 289 -0.63 21.34 -8.44
C THR B 289 0.81 21.41 -8.92
N ARG B 290 0.99 22.16 -9.99
CA ARG B 290 2.29 22.40 -10.54
C ARG B 290 3.14 23.16 -9.51
N GLU B 291 2.52 24.10 -8.81
CA GLU B 291 3.22 24.88 -7.79
C GLU B 291 3.83 23.95 -6.75
N VAL B 292 3.05 23.00 -6.25
CA VAL B 292 3.55 22.04 -5.27
C VAL B 292 4.62 21.10 -5.86
N ALA B 293 4.32 20.49 -7.00
CA ALA B 293 5.21 19.50 -7.59
C ALA B 293 6.58 20.09 -7.96
N GLU B 294 6.57 21.31 -8.52
CA GLU B 294 7.81 21.97 -8.91
C GLU B 294 8.60 22.46 -7.69
N THR B 295 7.92 23.03 -6.71
CA THR B 295 8.60 23.53 -5.53
C THR B 295 9.38 22.39 -4.86
N ILE B 296 8.75 21.23 -4.71
CA ILE B 296 9.41 20.11 -4.08
C ILE B 296 10.67 19.71 -4.87
N SER B 297 10.55 19.61 -6.19
CA SER B 297 11.68 19.19 -7.03
C SER B 297 12.83 20.20 -7.05
N ASN B 298 12.54 21.45 -6.70
CA ASN B 298 13.56 22.50 -6.69
C ASN B 298 14.27 22.59 -5.34
N GLY B 299 13.73 21.92 -4.34
CA GLY B 299 14.35 21.89 -3.03
C GLY B 299 15.55 20.97 -3.01
N GLU B 300 16.14 20.85 -1.82
CA GLU B 300 17.30 20.01 -1.55
C GLU B 300 17.37 18.69 -2.28
N ALA B 301 16.38 17.85 -1.99
CA ALA B 301 16.34 16.49 -2.48
C ALA B 301 16.35 16.38 -4.00
N GLY B 302 15.90 17.43 -4.68
CA GLY B 302 15.87 17.44 -6.13
C GLY B 302 14.70 16.66 -6.70
N CYS B 303 13.84 16.14 -5.84
CA CYS B 303 12.70 15.35 -6.29
C CYS B 303 11.74 15.10 -5.14
N PHE B 304 10.55 14.57 -5.45
CA PHE B 304 9.63 14.14 -4.42
C PHE B 304 10.09 12.75 -3.97
N MET B 305 10.41 12.63 -2.70
CA MET B 305 11.06 11.43 -2.19
C MET B 305 10.13 10.27 -1.87
N HIS B 306 9.53 9.70 -2.91
CA HIS B 306 8.67 8.53 -2.74
C HIS B 306 8.66 7.76 -4.05
N GLY B 307 8.42 6.45 -3.98
CA GLY B 307 8.38 5.63 -5.17
C GLY B 307 8.20 4.15 -4.84
N PRO B 308 6.96 3.72 -4.67
CA PRO B 308 6.67 2.32 -4.33
C PRO B 308 7.05 1.36 -5.45
N THR B 309 7.46 0.14 -5.07
CA THR B 309 7.87 -0.85 -6.05
C THR B 309 6.92 -1.03 -7.21
N PHE B 310 5.63 -1.16 -6.91
CA PHE B 310 4.63 -1.43 -7.93
C PHE B 310 3.95 -0.17 -8.46
N MET B 311 4.61 0.97 -8.28
CA MET B 311 4.07 2.23 -8.77
C MET B 311 3.68 2.11 -10.23
N GLY B 312 2.48 2.59 -10.57
CA GLY B 312 2.03 2.57 -11.94
C GLY B 312 1.64 1.22 -12.50
N ASN B 313 1.47 0.23 -11.63
CA ASN B 313 1.13 -1.12 -12.07
C ASN B 313 0.20 -1.15 -13.27
N PRO B 314 0.70 -1.60 -14.44
CA PRO B 314 -0.11 -1.70 -15.65
C PRO B 314 -1.47 -2.37 -15.46
N LEU B 315 -1.54 -3.50 -14.75
CA LEU B 315 -2.81 -4.19 -14.61
C LEU B 315 -3.83 -3.33 -13.86
N ALA B 316 -3.45 -2.77 -12.73
CA ALA B 316 -4.38 -1.95 -11.93
C ALA B 316 -4.77 -0.70 -12.70
N CYS B 317 -3.82 -0.12 -13.43
CA CYS B 317 -4.11 1.07 -14.23
C CYS B 317 -5.13 0.75 -15.34
N ALA B 318 -5.03 -0.43 -15.93
CA ALA B 318 -5.96 -0.84 -16.99
C ALA B 318 -7.38 -1.00 -16.41
N ALA B 319 -7.47 -1.58 -15.22
CA ALA B 319 -8.75 -1.74 -14.55
C ALA B 319 -9.35 -0.38 -14.22
N ALA B 320 -8.55 0.53 -13.67
CA ALA B 320 -9.02 1.86 -13.33
C ALA B 320 -9.50 2.61 -14.58
N ASN B 321 -8.74 2.48 -15.67
CA ASN B 321 -9.15 3.09 -16.93
C ASN B 321 -10.52 2.60 -17.39
N ALA B 322 -10.79 1.30 -17.27
CA ALA B 322 -12.06 0.70 -17.71
C ALA B 322 -13.19 1.20 -16.82
N SER B 323 -12.86 1.41 -15.55
CA SER B 323 -13.84 1.88 -14.59
C SER B 323 -14.22 3.32 -14.90
N LEU B 324 -13.21 4.16 -15.15
CA LEU B 324 -13.44 5.57 -15.45
C LEU B 324 -14.21 5.70 -16.78
N ALA B 325 -13.91 4.81 -17.74
CA ALA B 325 -14.59 4.84 -19.03
C ALA B 325 -16.10 4.60 -18.84
N ILE B 326 -16.47 3.73 -17.90
CA ILE B 326 -17.88 3.49 -17.63
C ILE B 326 -18.50 4.78 -17.07
N LEU B 327 -17.80 5.44 -16.15
CA LEU B 327 -18.29 6.69 -15.57
C LEU B 327 -18.40 7.83 -16.60
N GLU B 328 -17.55 7.81 -17.63
CA GLU B 328 -17.58 8.83 -18.69
C GLU B 328 -18.95 8.94 -19.37
N SER B 329 -19.72 7.86 -19.40
CA SER B 329 -21.07 7.89 -19.97
C SER B 329 -22.00 8.87 -19.25
N GLY B 330 -21.68 9.23 -18.02
CA GLY B 330 -22.55 10.09 -17.23
C GLY B 330 -23.72 9.35 -16.59
N ASP B 331 -23.91 8.08 -16.95
CA ASP B 331 -25.03 7.30 -16.44
C ASP B 331 -25.08 7.23 -14.90
N TRP B 332 -23.92 7.15 -14.27
CA TRP B 332 -23.86 7.07 -12.81
C TRP B 332 -24.70 8.16 -12.09
N GLN B 333 -24.85 9.33 -12.71
CA GLN B 333 -25.59 10.43 -12.08
C GLN B 333 -27.04 10.06 -11.82
N GLN B 334 -27.67 9.51 -12.85
CA GLN B 334 -29.08 9.11 -12.74
C GLN B 334 -29.21 7.91 -11.81
N GLN B 335 -28.24 7.00 -11.88
CA GLN B 335 -28.25 5.80 -11.06
C GLN B 335 -28.15 6.17 -9.59
N VAL B 336 -27.19 7.03 -9.28
CA VAL B 336 -26.99 7.49 -7.91
C VAL B 336 -28.18 8.32 -7.41
N ALA B 337 -28.70 9.20 -8.28
CA ALA B 337 -29.87 10.01 -7.93
C ALA B 337 -31.06 9.13 -7.57
N ASP B 338 -31.29 8.08 -8.36
CA ASP B 338 -32.40 7.17 -8.10
C ASP B 338 -32.20 6.39 -6.80
N ILE B 339 -30.96 5.98 -6.56
CA ILE B 339 -30.64 5.24 -5.34
C ILE B 339 -30.89 6.14 -4.13
N GLU B 340 -30.44 7.39 -4.24
CA GLU B 340 -30.67 8.37 -3.21
C GLU B 340 -32.18 8.50 -2.86
N VAL B 341 -33.06 8.70 -3.86
CA VAL B 341 -34.50 8.83 -3.59
C VAL B 341 -35.07 7.57 -2.92
N GLN B 342 -34.66 6.39 -3.39
CA GLN B 342 -35.15 5.14 -2.83
C GLN B 342 -34.65 4.95 -1.38
N LEU B 343 -33.41 5.37 -1.11
CA LEU B 343 -32.85 5.24 0.24
C LEU B 343 -33.61 6.14 1.20
N ARG B 344 -33.84 7.39 0.81
CA ARG B 344 -34.59 8.33 1.67
C ARG B 344 -35.99 7.79 1.97
N GLU B 345 -36.69 7.34 0.93
CA GLU B 345 -38.06 6.86 1.08
C GLU B 345 -38.18 5.59 1.92
N GLN B 346 -37.27 4.64 1.68
CA GLN B 346 -37.35 3.33 2.33
C GLN B 346 -36.67 3.22 3.71
N LEU B 347 -35.74 4.12 4.03
CA LEU B 347 -35.13 4.11 5.35
C LEU B 347 -35.92 5.02 6.28
N ALA B 348 -36.80 5.83 5.70
CA ALA B 348 -37.58 6.76 6.51
C ALA B 348 -38.34 6.10 7.66
N PRO B 349 -38.99 4.96 7.42
CA PRO B 349 -39.75 4.28 8.49
C PRO B 349 -38.88 3.88 9.67
N ALA B 350 -37.61 3.63 9.42
CA ALA B 350 -36.69 3.29 10.51
C ALA B 350 -36.61 4.41 11.59
N ARG B 351 -36.92 5.67 11.25
CA ARG B 351 -36.87 6.77 12.23
C ARG B 351 -37.84 6.58 13.39
N ASP B 352 -38.80 5.67 13.23
CA ASP B 352 -39.78 5.43 14.27
C ASP B 352 -39.48 4.18 15.07
N ALA B 353 -38.42 3.47 14.70
CA ALA B 353 -38.05 2.25 15.42
C ALA B 353 -37.41 2.61 16.75
N GLU B 354 -37.78 1.89 17.82
CA GLU B 354 -37.28 2.10 19.20
C GLU B 354 -35.71 2.17 19.15
N MET B 355 -35.05 1.28 18.40
CA MET B 355 -33.56 1.18 18.39
C MET B 355 -32.79 2.18 17.52
N VAL B 356 -33.48 3.10 16.86
CA VAL B 356 -32.83 4.01 15.93
C VAL B 356 -32.65 5.41 16.49
N ALA B 357 -31.44 5.95 16.36
CA ALA B 357 -31.11 7.30 16.80
C ALA B 357 -31.21 8.34 15.68
N ASP B 358 -30.84 7.96 14.46
CA ASP B 358 -30.83 8.89 13.34
C ASP B 358 -30.79 8.15 12.00
N VAL B 359 -31.37 8.76 10.97
CA VAL B 359 -31.30 8.23 9.61
C VAL B 359 -30.82 9.36 8.71
N ARG B 360 -29.81 9.09 7.90
CA ARG B 360 -29.28 10.10 6.99
C ARG B 360 -28.88 9.46 5.66
N VAL B 361 -29.13 10.18 4.57
CA VAL B 361 -28.86 9.68 3.23
C VAL B 361 -28.16 10.75 2.38
N LEU B 362 -27.19 10.32 1.60
CA LEU B 362 -26.54 11.19 0.63
C LEU B 362 -26.03 10.34 -0.51
N GLY B 363 -26.48 10.64 -1.72
CA GLY B 363 -26.11 9.87 -2.89
C GLY B 363 -26.44 8.40 -2.71
N ALA B 364 -25.47 7.54 -2.98
CA ALA B 364 -25.68 6.11 -2.78
C ALA B 364 -25.11 5.67 -1.43
N ILE B 365 -25.40 6.44 -0.38
CA ILE B 365 -25.03 6.12 0.99
C ILE B 365 -26.28 6.26 1.87
N GLY B 366 -26.67 5.19 2.54
CA GLY B 366 -27.83 5.21 3.42
C GLY B 366 -27.42 4.71 4.81
N VAL B 367 -27.66 5.52 5.83
CA VAL B 367 -27.21 5.17 7.18
C VAL B 367 -28.31 5.20 8.21
N VAL B 368 -28.33 4.17 9.05
CA VAL B 368 -29.22 4.12 10.18
C VAL B 368 -28.33 3.97 11.39
N GLU B 369 -28.28 5.03 12.19
CA GLU B 369 -27.49 5.04 13.41
C GLU B 369 -28.41 4.59 14.54
N THR B 370 -27.96 3.62 15.31
CA THR B 370 -28.78 3.07 16.39
C THR B 370 -28.38 3.62 17.75
N THR B 371 -29.21 3.36 18.76
CA THR B 371 -28.96 3.88 20.09
C THR B 371 -27.99 3.02 20.88
N HIS B 372 -27.90 1.74 20.52
CA HIS B 372 -26.99 0.80 21.17
C HIS B 372 -26.14 0.09 20.12
N PRO B 373 -24.98 -0.43 20.52
CA PRO B 373 -24.11 -1.15 19.61
C PRO B 373 -24.78 -2.42 19.15
N VAL B 374 -24.53 -2.77 17.91
CA VAL B 374 -25.08 -4.00 17.35
C VAL B 374 -24.32 -5.24 17.87
N ASN B 375 -25.01 -6.39 17.87
CA ASN B 375 -24.42 -7.69 18.21
C ASN B 375 -23.90 -8.27 16.89
N MET B 376 -22.61 -8.08 16.64
CA MET B 376 -21.97 -8.44 15.36
C MET B 376 -22.27 -9.85 14.83
N ALA B 377 -22.04 -10.88 15.64
CA ALA B 377 -22.28 -12.24 15.17
C ALA B 377 -23.76 -12.47 14.85
N ALA B 378 -24.64 -12.05 15.74
CA ALA B 378 -26.08 -12.28 15.58
C ALA B 378 -26.68 -11.52 14.40
N LEU B 379 -26.35 -10.23 14.28
CA LEU B 379 -26.88 -9.39 13.21
C LEU B 379 -26.35 -9.81 11.84
N GLN B 380 -25.08 -10.21 11.79
CA GLN B 380 -24.50 -10.66 10.52
C GLN B 380 -25.20 -11.93 10.04
N LYS B 381 -25.47 -12.84 10.96
CA LYS B 381 -26.16 -14.07 10.64
C LYS B 381 -27.57 -13.74 10.13
N PHE B 382 -28.23 -12.78 10.78
CA PHE B 382 -29.56 -12.35 10.38
C PHE B 382 -29.56 -11.87 8.93
N PHE B 383 -28.62 -10.97 8.62
CA PHE B 383 -28.55 -10.43 7.28
C PHE B 383 -28.31 -11.54 6.25
N VAL B 384 -27.35 -12.42 6.51
CA VAL B 384 -27.07 -13.50 5.56
C VAL B 384 -28.34 -14.33 5.34
N GLU B 385 -29.09 -14.55 6.42
CA GLU B 385 -30.33 -15.33 6.36
C GLU B 385 -31.42 -14.65 5.54
N GLN B 386 -31.37 -13.32 5.46
CA GLN B 386 -32.29 -12.54 4.65
C GLN B 386 -31.80 -12.44 3.21
N GLY B 387 -30.64 -13.05 2.93
CA GLY B 387 -30.08 -13.04 1.59
C GLY B 387 -29.41 -11.74 1.21
N VAL B 388 -28.89 -11.02 2.20
CA VAL B 388 -28.21 -9.77 1.94
C VAL B 388 -26.84 -9.72 2.63
N TRP B 389 -25.91 -9.00 2.02
CA TRP B 389 -24.63 -8.79 2.66
C TRP B 389 -24.56 -7.34 3.11
N ILE B 390 -24.79 -7.14 4.40
CA ILE B 390 -24.71 -5.85 5.04
C ILE B 390 -23.76 -6.07 6.22
N ARG B 391 -22.70 -5.26 6.28
CA ARG B 391 -21.67 -5.37 7.30
C ARG B 391 -21.73 -4.18 8.25
N PRO B 392 -22.42 -4.32 9.36
CA PRO B 392 -22.59 -3.23 10.32
C PRO B 392 -21.34 -3.03 11.18
N PHE B 393 -21.29 -1.91 11.91
CA PHE B 393 -20.14 -1.54 12.75
C PHE B 393 -20.57 -0.60 13.84
N GLY B 394 -20.32 -1.01 15.08
CA GLY B 394 -20.66 -0.16 16.20
C GLY B 394 -22.16 0.10 16.22
N LYS B 395 -22.54 1.38 16.16
CA LYS B 395 -23.93 1.77 16.16
C LYS B 395 -24.40 2.15 14.76
N LEU B 396 -23.70 1.65 13.74
CA LEU B 396 -24.03 2.02 12.37
C LEU B 396 -24.42 0.83 11.51
N ILE B 397 -25.62 0.90 10.94
CA ILE B 397 -26.06 -0.07 9.95
C ILE B 397 -26.20 0.75 8.68
N TYR B 398 -25.26 0.59 7.77
CA TYR B 398 -25.23 1.43 6.58
C TYR B 398 -25.16 0.67 5.26
N LEU B 399 -25.60 1.34 4.20
CA LEU B 399 -25.65 0.78 2.87
C LEU B 399 -24.91 1.69 1.91
N MET B 400 -24.17 1.07 1.00
CA MET B 400 -23.42 1.79 -0.03
C MET B 400 -23.34 0.82 -1.20
N PRO B 401 -24.47 0.59 -1.85
CA PRO B 401 -24.56 -0.45 -2.88
C PRO B 401 -23.89 -0.05 -4.17
N PRO B 402 -23.58 -1.01 -5.03
CA PRO B 402 -23.08 -0.71 -6.38
C PRO B 402 -24.11 0.11 -7.12
N TYR B 403 -23.65 1.00 -7.99
CA TYR B 403 -24.55 1.90 -8.71
C TYR B 403 -25.52 1.15 -9.61
N ILE B 404 -25.14 -0.06 -9.97
CA ILE B 404 -25.96 -0.88 -10.86
C ILE B 404 -27.07 -1.65 -10.15
N ILE B 405 -27.21 -1.48 -8.85
CA ILE B 405 -28.20 -2.25 -8.10
C ILE B 405 -29.60 -2.00 -8.64
N LEU B 406 -30.40 -3.06 -8.72
CA LEU B 406 -31.79 -2.96 -9.19
C LEU B 406 -32.68 -2.48 -8.04
N PRO B 407 -33.78 -1.79 -8.36
CA PRO B 407 -34.68 -1.32 -7.31
C PRO B 407 -35.17 -2.45 -6.41
N GLN B 408 -35.44 -3.62 -6.97
CA GLN B 408 -35.89 -4.74 -6.17
C GLN B 408 -34.79 -5.18 -5.20
N GLN B 409 -33.56 -5.19 -5.69
CA GLN B 409 -32.41 -5.57 -4.88
C GLN B 409 -32.22 -4.57 -3.74
N LEU B 410 -32.31 -3.28 -4.07
CA LEU B 410 -32.17 -2.22 -3.07
C LEU B 410 -33.29 -2.34 -2.03
N GLN B 411 -34.48 -2.74 -2.48
CA GLN B 411 -35.61 -2.92 -1.56
C GLN B 411 -35.34 -4.04 -0.56
N ARG B 412 -34.69 -5.11 -0.99
CA ARG B 412 -34.37 -6.18 -0.08
C ARG B 412 -33.43 -5.68 1.00
N LEU B 413 -32.48 -4.83 0.61
CA LEU B 413 -31.53 -4.28 1.57
C LEU B 413 -32.24 -3.41 2.60
N THR B 414 -33.05 -2.46 2.14
CA THR B 414 -33.72 -1.54 3.06
C THR B 414 -34.71 -2.29 3.94
N ALA B 415 -35.42 -3.25 3.37
CA ALA B 415 -36.36 -4.09 4.13
C ALA B 415 -35.63 -4.78 5.29
N ALA B 416 -34.46 -5.34 4.98
CA ALA B 416 -33.66 -6.03 5.97
C ALA B 416 -33.19 -5.09 7.08
N VAL B 417 -32.72 -3.89 6.70
CA VAL B 417 -32.28 -2.91 7.69
C VAL B 417 -33.44 -2.58 8.62
N ASN B 418 -34.59 -2.22 8.04
CA ASN B 418 -35.75 -1.89 8.85
C ASN B 418 -36.15 -3.00 9.82
N ARG B 419 -36.10 -4.25 9.36
CA ARG B 419 -36.44 -5.40 10.18
C ARG B 419 -35.42 -5.62 11.31
N ALA B 420 -34.15 -5.34 11.02
CA ALA B 420 -33.10 -5.54 12.01
C ALA B 420 -33.26 -4.62 13.21
N VAL B 421 -33.81 -3.43 12.98
CA VAL B 421 -33.90 -2.43 14.04
C VAL B 421 -35.27 -2.32 14.74
N GLN B 422 -36.19 -3.25 14.49
CA GLN B 422 -37.51 -3.10 15.10
C GLN B 422 -37.55 -3.53 16.55
N ASP B 423 -36.55 -4.27 17.00
CA ASP B 423 -36.43 -4.59 18.42
C ASP B 423 -34.96 -4.82 18.85
N GLU B 424 -34.73 -5.06 20.14
CA GLU B 424 -33.38 -5.17 20.70
C GLU B 424 -32.71 -6.55 20.48
N THR B 425 -33.37 -7.45 19.76
CA THR B 425 -32.84 -8.79 19.51
C THR B 425 -31.36 -8.83 19.10
N PHE B 426 -30.98 -8.02 18.13
CA PHE B 426 -29.63 -8.04 17.58
C PHE B 426 -28.75 -6.92 18.13
N PHE B 427 -29.07 -6.45 19.33
CA PHE B 427 -28.35 -5.34 19.93
C PHE B 427 -27.58 -5.64 21.23
N CYS B 428 -26.51 -4.85 21.42
CA CYS B 428 -25.55 -4.96 22.52
C CYS B 428 -24.43 -5.95 22.20
NA NA C . 5.83 -21.10 9.29
NA NA D . -7.32 18.44 -13.02
#